data_6WLF
#
_entry.id   6WLF
#
_cell.length_a   64.948
_cell.length_b   98.259
_cell.length_c   164.954
_cell.angle_alpha   90.00
_cell.angle_beta   90.00
_cell.angle_gamma   90.00
#
_symmetry.space_group_name_H-M   'P 21 21 21'
#
loop_
_entity.id
_entity.type
_entity.pdbx_description
1 polymer 'Phosphoethanolamine N-methyltransferase 1'
2 non-polymer 'PHOSPHORIC ACID MONO-(2-AMINO-ETHYL) ESTER'
3 non-polymer S-ADENOSYL-L-HOMOCYSTEINE
4 water water
#
_entity_poly.entity_id   1
_entity_poly.type   'polypeptide(L)'
_entity_poly.pdbx_seq_one_letter_code
;TYFSFWNKFSSNADINTMMLNNNADQLEPFDRADIIQDLPDFTGMNVVDVGAGIGRFTTTFAQRAKHVVSSDFIDSFIEK
NKERNAAFENITYQVSDALGLQVDPQSTDLVFTNWLLMYLNEQECVRFLMKTMEWLKPGGYLHVRESCTEPSTGKSKTGS
MHSDKKANPTHYRYSSVYLQLLKELRWTDARGMQWRFNVLWAKSVPTYVERVLNWRQVHWLCVKVPAQDGGISNEKALIS
AMGRWKIIQDHTEYLLNGKTSWATDVINNVISKVDFANNNLPLYVYSPRVVSPFVFVDSHNIAAMTGLSVWAVETNPLFY
RHMLNRCVEAKDRRVQYGWNADLQSSINDWGLKKARFGGVIATELFMANSDTSLMALKEILDDNANIFTIEPALSIEDFK
ENVVVPENMEMIAITDVSAYVVCREQKQAFDSPNQPCWLLVHARLL
;
_entity_poly.pdbx_strand_id   A,B
#
loop_
_chem_comp.id
_chem_comp.type
_chem_comp.name
_chem_comp.formula
OPE non-polymer 'PHOSPHORIC ACID MONO-(2-AMINO-ETHYL) ESTER' 'C2 H8 N O4 P'
#
# COMPACT_ATOMS: atom_id res chain seq x y z
N THR A 1 -28.87 24.77 -4.95
CA THR A 1 -27.67 25.19 -5.67
C THR A 1 -26.78 25.98 -4.71
N TYR A 2 -25.46 25.90 -4.93
CA TYR A 2 -24.54 26.62 -4.06
C TYR A 2 -24.60 28.11 -4.30
N PHE A 3 -24.85 28.53 -5.54
CA PHE A 3 -24.96 29.96 -5.82
C PHE A 3 -26.11 30.58 -5.04
N SER A 4 -27.29 29.96 -5.08
CA SER A 4 -28.42 30.54 -4.35
C SER A 4 -28.19 30.45 -2.85
N PHE A 5 -27.50 29.40 -2.38
CA PHE A 5 -27.19 29.32 -0.95
C PHE A 5 -26.34 30.53 -0.52
N TRP A 6 -25.34 30.89 -1.31
CA TRP A 6 -24.49 32.01 -0.94
C TRP A 6 -25.11 33.36 -1.33
N ASN A 7 -25.83 33.41 -2.46
CA ASN A 7 -26.38 34.68 -2.94
C ASN A 7 -27.38 35.26 -1.95
N LYS A 8 -28.03 34.41 -1.15
CA LYS A 8 -28.96 34.89 -0.14
C LYS A 8 -28.28 35.67 0.99
N PHE A 9 -26.95 35.59 1.13
CA PHE A 9 -26.19 36.39 2.08
C PHE A 9 -25.64 37.68 1.49
N SER A 10 -26.13 38.07 0.31
CA SER A 10 -25.63 39.24 -0.41
C SER A 10 -25.65 40.50 0.43
N SER A 11 -26.71 40.71 1.21
CA SER A 11 -26.79 41.91 2.02
C SER A 11 -26.03 41.80 3.33
N ASN A 12 -25.47 40.63 3.65
CA ASN A 12 -24.63 40.45 4.83
C ASN A 12 -23.18 40.25 4.45
N ALA A 13 -22.56 41.23 3.78
CA ALA A 13 -21.19 41.09 3.29
C ALA A 13 -20.22 41.49 4.41
N ASP A 14 -20.00 40.54 5.33
CA ASP A 14 -19.25 40.82 6.54
C ASP A 14 -18.53 39.55 6.99
N ILE A 15 -17.71 39.71 8.03
CA ILE A 15 -16.87 38.62 8.55
C ILE A 15 -17.71 37.48 9.10
N ASN A 16 -18.81 37.78 9.80
CA ASN A 16 -19.68 36.73 10.30
C ASN A 16 -20.06 35.75 9.18
N THR A 17 -20.48 36.31 8.03
CA THR A 17 -20.91 35.50 6.90
C THR A 17 -19.77 34.67 6.33
N MET A 18 -18.57 35.25 6.25
CA MET A 18 -17.43 34.53 5.70
C MET A 18 -17.12 33.27 6.49
N MET A 19 -17.38 33.29 7.80
CA MET A 19 -17.13 32.13 8.66
C MET A 19 -18.42 31.44 9.06
N LEU A 20 -19.56 31.86 8.47
CA LEU A 20 -20.89 31.36 8.80
C LEU A 20 -21.07 31.23 10.31
N ASN A 21 -20.61 32.26 11.03
CA ASN A 21 -20.51 32.22 12.48
C ASN A 21 -20.92 33.58 13.04
N ASN A 22 -21.99 33.61 13.85
CA ASN A 22 -22.43 34.87 14.43
C ASN A 22 -21.45 35.43 15.44
N ASN A 23 -20.47 34.65 15.87
CA ASN A 23 -19.45 35.11 16.80
C ASN A 23 -18.08 35.17 16.13
N ALA A 24 -18.06 35.46 14.83
CA ALA A 24 -16.81 35.41 14.07
C ALA A 24 -15.77 36.39 14.59
N ASP A 25 -16.21 37.47 15.24
CA ASP A 25 -15.23 38.42 15.76
C ASP A 25 -14.37 37.82 16.88
N GLN A 26 -14.82 36.74 17.52
CA GLN A 26 -13.97 36.03 18.47
C GLN A 26 -12.98 35.09 17.78
N LEU A 27 -13.07 34.92 16.47
CA LEU A 27 -12.27 33.92 15.78
C LEU A 27 -11.43 34.48 14.64
N GLU A 28 -11.97 35.42 13.86
CA GLU A 28 -11.38 35.78 12.57
C GLU A 28 -9.91 36.16 12.64
N PRO A 29 -9.46 37.03 13.55
CA PRO A 29 -8.04 37.44 13.50
C PRO A 29 -7.11 36.31 13.86
N PHE A 30 -7.58 35.35 14.66
CA PHE A 30 -6.75 34.23 15.04
C PHE A 30 -6.73 33.17 13.95
N ASP A 31 -7.91 32.93 13.35
CA ASP A 31 -7.97 32.05 12.18
C ASP A 31 -7.10 32.58 11.06
N ARG A 32 -7.21 33.88 10.75
CA ARG A 32 -6.37 34.45 9.70
C ARG A 32 -4.89 34.28 10.02
N ALA A 33 -4.49 34.59 11.26
CA ALA A 33 -3.07 34.49 11.60
C ALA A 33 -2.59 33.04 11.54
N ASP A 34 -3.43 32.08 11.99
CA ASP A 34 -3.06 30.67 11.86
C ASP A 34 -2.75 30.32 10.41
N ILE A 35 -3.62 30.73 9.49
CA ILE A 35 -3.46 30.32 8.10
C ILE A 35 -2.25 31.01 7.48
N ILE A 36 -2.15 32.33 7.68
CA ILE A 36 -1.04 33.12 7.13
C ILE A 36 0.30 32.57 7.58
N GLN A 37 0.42 32.26 8.87
CA GLN A 37 1.74 31.85 9.35
C GLN A 37 2.16 30.48 8.85
N ASP A 38 1.24 29.67 8.32
CA ASP A 38 1.61 28.37 7.74
C ASP A 38 1.86 28.46 6.23
N LEU A 39 1.61 29.63 5.63
CA LEU A 39 1.86 29.84 4.21
C LEU A 39 3.33 30.16 3.99
N PRO A 40 3.86 29.95 2.79
CA PRO A 40 5.20 30.45 2.48
C PRO A 40 5.22 31.97 2.49
N ASP A 41 6.43 32.52 2.53
CA ASP A 41 6.61 33.96 2.34
C ASP A 41 6.08 34.36 0.97
N PHE A 42 5.02 35.15 0.93
CA PHE A 42 4.42 35.53 -0.34
C PHE A 42 4.85 36.91 -0.80
N THR A 43 5.97 37.42 -0.28
CA THR A 43 6.50 38.69 -0.76
C THR A 43 6.86 38.57 -2.23
N GLY A 44 6.35 39.49 -3.04
CA GLY A 44 6.67 39.50 -4.44
C GLY A 44 5.97 38.44 -5.25
N MET A 45 5.04 37.69 -4.64
CA MET A 45 4.35 36.61 -5.33
C MET A 45 3.16 37.14 -6.13
N ASN A 46 2.86 36.44 -7.23
CA ASN A 46 1.56 36.53 -7.88
C ASN A 46 0.62 35.54 -7.21
N VAL A 47 -0.41 36.07 -6.53
CA VAL A 47 -1.33 35.28 -5.71
C VAL A 47 -2.71 35.30 -6.36
N VAL A 48 -3.42 34.19 -6.26
CA VAL A 48 -4.80 34.08 -6.72
C VAL A 48 -5.63 33.60 -5.53
N ASP A 49 -6.60 34.42 -5.12
CA ASP A 49 -7.47 34.15 -3.99
C ASP A 49 -8.85 33.80 -4.54
N VAL A 50 -9.19 32.51 -4.55
CA VAL A 50 -10.41 31.98 -5.17
C VAL A 50 -11.46 31.74 -4.10
N GLY A 51 -12.69 32.18 -4.36
CA GLY A 51 -13.71 32.19 -3.32
C GLY A 51 -13.37 33.15 -2.19
N ALA A 52 -12.82 34.31 -2.54
CA ALA A 52 -12.27 35.24 -1.56
C ALA A 52 -13.33 35.91 -0.71
N GLY A 53 -14.59 35.88 -1.13
CA GLY A 53 -15.63 36.61 -0.41
C GLY A 53 -15.28 38.09 -0.35
N ILE A 54 -15.42 38.68 0.85
CA ILE A 54 -15.11 40.09 1.04
C ILE A 54 -13.61 40.35 1.14
N GLY A 55 -12.78 39.32 1.02
CA GLY A 55 -11.36 39.50 0.84
C GLY A 55 -10.52 39.64 2.09
N ARG A 56 -10.89 38.98 3.19
CA ARG A 56 -10.09 39.10 4.40
C ARG A 56 -8.65 38.60 4.18
N PHE A 57 -8.48 37.51 3.44
CA PHE A 57 -7.12 37.06 3.18
C PHE A 57 -6.44 37.94 2.13
N THR A 58 -7.22 38.44 1.18
CA THR A 58 -6.70 39.36 0.15
C THR A 58 -6.13 40.63 0.79
N THR A 59 -6.82 41.17 1.80
CA THR A 59 -6.29 42.30 2.57
C THR A 59 -4.87 42.03 3.07
N THR A 60 -4.60 40.82 3.58
CA THR A 60 -3.29 40.52 4.12
C THR A 60 -2.27 40.25 3.02
N PHE A 61 -2.67 39.50 1.98
CA PHE A 61 -1.78 39.26 0.84
C PHE A 61 -1.29 40.56 0.21
N ALA A 62 -2.22 41.50 0.00
CA ALA A 62 -1.89 42.73 -0.69
C ALA A 62 -0.76 43.49 -0.03
N GLN A 63 -0.50 43.26 1.27
CA GLN A 63 0.56 44.00 1.93
C GLN A 63 1.94 43.68 1.34
N ARG A 64 2.14 42.46 0.86
CA ARG A 64 3.45 42.01 0.41
C ARG A 64 3.48 41.45 -1.01
N ALA A 65 2.35 41.00 -1.55
CA ALA A 65 2.34 40.32 -2.84
C ALA A 65 2.66 41.29 -3.96
N LYS A 66 3.25 40.75 -5.04
CA LYS A 66 3.36 41.52 -6.26
C LYS A 66 1.97 41.82 -6.84
N HIS A 67 1.09 40.84 -6.80
CA HIS A 67 -0.25 41.02 -7.35
C HIS A 67 -1.19 40.01 -6.73
N VAL A 68 -2.46 40.41 -6.56
CA VAL A 68 -3.49 39.52 -6.04
C VAL A 68 -4.67 39.56 -7.00
N VAL A 69 -5.05 38.41 -7.53
CA VAL A 69 -6.36 38.25 -8.17
C VAL A 69 -7.32 37.76 -7.11
N SER A 70 -8.36 38.53 -6.83
CA SER A 70 -9.31 38.23 -5.77
C SER A 70 -10.67 38.00 -6.41
N SER A 71 -11.22 36.80 -6.23
CA SER A 71 -12.38 36.39 -7.01
C SER A 71 -13.42 35.67 -6.16
N ASP A 72 -14.67 35.79 -6.57
CA ASP A 72 -15.82 35.17 -5.90
C ASP A 72 -16.99 35.25 -6.86
N PHE A 73 -17.95 34.34 -6.69
CA PHE A 73 -19.09 34.35 -7.62
C PHE A 73 -20.28 35.13 -7.08
N ILE A 74 -20.15 35.79 -5.92
CA ILE A 74 -21.19 36.67 -5.40
C ILE A 74 -20.73 38.11 -5.67
N ASP A 75 -21.47 38.83 -6.51
CA ASP A 75 -21.04 40.18 -6.92
C ASP A 75 -20.88 41.11 -5.73
N SER A 76 -21.83 41.09 -4.80
CA SER A 76 -21.76 42.01 -3.67
C SER A 76 -20.64 41.68 -2.68
N PHE A 77 -20.17 40.43 -2.59
CA PHE A 77 -18.96 40.18 -1.80
C PHE A 77 -17.76 40.85 -2.45
N ILE A 78 -17.67 40.81 -3.78
CA ILE A 78 -16.55 41.47 -4.46
C ILE A 78 -16.67 42.97 -4.31
N GLU A 79 -17.91 43.49 -4.26
CA GLU A 79 -18.09 44.92 -4.06
C GLU A 79 -17.59 45.35 -2.69
N LYS A 80 -17.87 44.55 -1.65
CA LYS A 80 -17.36 44.87 -0.32
C LYS A 80 -15.84 44.67 -0.27
N ASN A 81 -15.34 43.64 -0.96
CA ASN A 81 -13.91 43.40 -1.12
C ASN A 81 -13.21 44.65 -1.65
N LYS A 82 -13.70 45.18 -2.78
CA LYS A 82 -13.12 46.38 -3.39
C LYS A 82 -13.18 47.57 -2.45
N GLU A 83 -14.25 47.69 -1.67
CA GLU A 83 -14.39 48.81 -0.73
C GLU A 83 -13.42 48.69 0.44
N ARG A 84 -13.31 47.48 1.00
CA ARG A 84 -12.39 47.28 2.12
C ARG A 84 -10.95 47.45 1.69
N ASN A 85 -10.61 47.02 0.48
CA ASN A 85 -9.24 47.02 0.00
C ASN A 85 -8.95 48.15 -0.99
N ALA A 86 -9.76 49.23 -0.98
CA ALA A 86 -9.63 50.30 -1.96
C ALA A 86 -8.27 50.98 -1.94
N ALA A 87 -7.57 50.97 -0.80
CA ALA A 87 -6.28 51.66 -0.74
C ALA A 87 -5.19 50.94 -1.55
N PHE A 88 -5.31 49.63 -1.71
CA PHE A 88 -4.29 48.89 -2.45
C PHE A 88 -4.44 49.10 -3.95
N GLU A 89 -3.30 49.09 -4.64
CA GLU A 89 -3.31 49.17 -6.09
C GLU A 89 -2.81 47.90 -6.75
N ASN A 90 -2.50 46.84 -5.99
CA ASN A 90 -1.98 45.59 -6.53
C ASN A 90 -3.02 44.47 -6.55
N ILE A 91 -4.31 44.81 -6.62
CA ILE A 91 -5.38 43.82 -6.61
C ILE A 91 -6.24 44.02 -7.85
N THR A 92 -6.50 42.95 -8.58
CA THR A 92 -7.55 42.92 -9.58
C THR A 92 -8.65 41.97 -9.12
N TYR A 93 -9.88 42.28 -9.52
CA TYR A 93 -11.09 41.62 -9.04
C TYR A 93 -11.82 40.97 -10.20
N GLN A 94 -12.36 39.77 -9.96
CA GLN A 94 -13.21 39.08 -10.93
C GLN A 94 -14.41 38.49 -10.20
N VAL A 95 -15.60 38.77 -10.71
CA VAL A 95 -16.80 38.08 -10.30
C VAL A 95 -16.94 36.86 -11.20
N SER A 96 -16.68 35.67 -10.65
CA SER A 96 -16.68 34.49 -11.49
C SER A 96 -16.83 33.26 -10.62
N ASP A 97 -17.43 32.23 -11.20
CA ASP A 97 -17.30 30.90 -10.61
C ASP A 97 -15.82 30.53 -10.57
N ALA A 98 -15.42 29.85 -9.49
CA ALA A 98 -14.06 29.32 -9.39
C ALA A 98 -13.63 28.61 -10.67
N LEU A 99 -14.55 27.84 -11.26
CA LEU A 99 -14.21 27.04 -12.44
C LEU A 99 -14.00 27.89 -13.68
N GLY A 100 -14.70 29.02 -13.79
CA GLY A 100 -14.58 29.92 -14.92
C GLY A 100 -13.60 31.05 -14.74
N LEU A 101 -12.82 31.03 -13.66
CA LEU A 101 -11.82 32.06 -13.43
C LEU A 101 -10.79 32.05 -14.56
N GLN A 102 -10.49 33.23 -15.10
CA GLN A 102 -9.49 33.37 -16.15
C GLN A 102 -8.16 33.72 -15.53
N VAL A 103 -7.19 32.81 -15.63
CA VAL A 103 -5.83 33.04 -15.17
C VAL A 103 -4.88 32.54 -16.25
N ASP A 104 -3.81 33.27 -16.49
CA ASP A 104 -2.83 32.84 -17.48
C ASP A 104 -2.15 31.55 -17.01
N PRO A 105 -1.77 30.69 -17.96
CA PRO A 105 -1.09 29.44 -17.57
C PRO A 105 0.30 29.73 -17.03
N GLN A 106 0.70 28.98 -16.00
CA GLN A 106 2.04 29.09 -15.42
C GLN A 106 2.34 30.54 -15.02
N SER A 107 1.36 31.19 -14.39
CA SER A 107 1.46 32.61 -14.07
C SER A 107 1.50 32.87 -12.58
N THR A 108 1.17 31.89 -11.75
CA THR A 108 0.78 32.12 -10.38
C THR A 108 1.74 31.40 -9.45
N ASP A 109 2.12 32.07 -8.37
CA ASP A 109 2.99 31.46 -7.38
C ASP A 109 2.21 30.78 -6.26
N LEU A 110 1.02 31.30 -5.95
CA LEU A 110 0.19 30.72 -4.89
C LEU A 110 -1.26 30.80 -5.33
N VAL A 111 -1.92 29.66 -5.40
CA VAL A 111 -3.37 29.62 -5.50
C VAL A 111 -3.89 29.36 -4.10
N PHE A 112 -4.62 30.34 -3.55
CA PHE A 112 -5.09 30.29 -2.19
C PHE A 112 -6.60 30.08 -2.18
N THR A 113 -7.04 29.05 -1.46
CA THR A 113 -8.46 28.82 -1.18
C THR A 113 -8.63 28.55 0.31
N ASN A 114 -9.81 28.90 0.82
CA ASN A 114 -10.15 28.66 2.23
C ASN A 114 -11.65 28.46 2.32
N TRP A 115 -12.08 27.21 2.53
CA TRP A 115 -13.47 26.78 2.42
C TRP A 115 -14.02 26.94 1.00
N LEU A 116 -13.69 26.01 0.11
CA LEU A 116 -14.18 26.09 -1.25
C LEU A 116 -14.63 24.73 -1.78
N LEU A 117 -13.80 23.70 -1.61
CA LEU A 117 -14.15 22.40 -2.17
C LEU A 117 -15.43 21.84 -1.55
N MET A 118 -15.74 22.22 -0.31
CA MET A 118 -16.99 21.82 0.32
C MET A 118 -18.23 22.37 -0.38
N TYR A 119 -18.07 23.37 -1.26
CA TYR A 119 -19.17 23.88 -2.07
C TYR A 119 -19.07 23.44 -3.52
N LEU A 120 -18.32 22.37 -3.80
CA LEU A 120 -18.20 21.80 -5.13
C LEU A 120 -18.57 20.33 -5.13
N ASN A 121 -19.26 19.87 -6.17
CA ASN A 121 -19.45 18.43 -6.31
C ASN A 121 -18.11 17.78 -6.67
N GLU A 122 -18.08 16.45 -6.60
CA GLU A 122 -16.82 15.74 -6.81
C GLU A 122 -16.21 16.06 -8.17
N GLN A 123 -17.04 16.07 -9.21
CA GLN A 123 -16.55 16.42 -10.55
C GLN A 123 -15.98 17.83 -10.58
N GLU A 124 -16.62 18.77 -9.87
CA GLU A 124 -16.11 20.14 -9.85
C GLU A 124 -14.82 20.22 -9.03
N CYS A 125 -14.72 19.47 -7.93
CA CYS A 125 -13.48 19.40 -7.17
C CYS A 125 -12.31 19.04 -8.06
N VAL A 126 -12.45 17.96 -8.84
CA VAL A 126 -11.34 17.49 -9.66
C VAL A 126 -11.00 18.51 -10.72
N ARG A 127 -12.03 19.01 -11.43
CA ARG A 127 -11.78 19.97 -12.50
C ARG A 127 -11.12 21.24 -11.95
N PHE A 128 -11.51 21.68 -10.75
CA PHE A 128 -10.89 22.88 -10.20
C PHE A 128 -9.42 22.63 -9.87
N LEU A 129 -9.12 21.50 -9.23
CA LEU A 129 -7.74 21.20 -8.91
C LEU A 129 -6.89 21.13 -10.17
N MET A 130 -7.44 20.58 -11.26
CA MET A 130 -6.69 20.59 -12.51
C MET A 130 -6.50 22.00 -13.05
N LYS A 131 -7.44 22.91 -12.77
CA LYS A 131 -7.26 24.29 -13.19
C LYS A 131 -6.10 24.94 -12.45
N THR A 132 -5.96 24.64 -11.16
CA THR A 132 -4.86 25.23 -10.38
C THR A 132 -3.51 24.74 -10.89
N MET A 133 -3.42 23.46 -11.27
CA MET A 133 -2.22 22.94 -11.91
C MET A 133 -1.82 23.77 -13.12
N GLU A 134 -2.80 24.11 -13.96
CA GLU A 134 -2.53 24.90 -15.15
C GLU A 134 -2.08 26.32 -14.81
N TRP A 135 -2.69 26.94 -13.80
CA TRP A 135 -2.35 28.31 -13.45
C TRP A 135 -0.99 28.43 -12.80
N LEU A 136 -0.59 27.41 -12.03
CA LEU A 136 0.60 27.50 -11.18
C LEU A 136 1.88 27.35 -11.98
N LYS A 137 2.88 28.16 -11.61
CA LYS A 137 4.24 27.92 -12.04
C LYS A 137 4.73 26.58 -11.47
N PRO A 138 5.74 25.97 -12.09
CA PRO A 138 6.40 24.84 -11.43
C PRO A 138 6.98 25.29 -10.10
N GLY A 139 6.79 24.47 -9.08
CA GLY A 139 7.16 24.85 -7.74
C GLY A 139 6.19 25.81 -7.07
N GLY A 140 5.08 26.13 -7.73
CA GLY A 140 4.08 26.99 -7.12
C GLY A 140 3.27 26.26 -6.06
N TYR A 141 2.50 27.05 -5.29
CA TYR A 141 1.83 26.53 -4.11
C TYR A 141 0.32 26.54 -4.27
N LEU A 142 -0.33 25.54 -3.68
CA LEU A 142 -1.78 25.49 -3.55
C LEU A 142 -2.14 25.33 -2.07
N HIS A 143 -3.00 26.21 -1.57
CA HIS A 143 -3.52 26.10 -0.21
C HIS A 143 -4.98 25.70 -0.25
N VAL A 144 -5.33 24.64 0.49
CA VAL A 144 -6.71 24.19 0.62
C VAL A 144 -7.04 24.09 2.11
N ARG A 145 -8.24 24.54 2.48
CA ARG A 145 -8.74 24.40 3.85
C ARG A 145 -10.21 24.05 3.74
N GLU A 146 -10.67 23.00 4.44
CA GLU A 146 -12.05 22.57 4.31
C GLU A 146 -12.65 22.19 5.66
N SER A 147 -13.98 22.33 5.77
CA SER A 147 -14.71 21.75 6.88
C SER A 147 -14.91 20.27 6.61
N CYS A 148 -14.27 19.43 7.43
CA CYS A 148 -14.35 17.99 7.26
C CYS A 148 -15.30 17.39 8.27
N THR A 149 -16.14 16.47 7.80
CA THR A 149 -17.08 15.63 8.54
C THR A 149 -18.28 16.42 9.09
N GLU A 150 -18.07 17.63 9.59
CA GLU A 150 -19.14 18.40 10.20
C GLU A 150 -18.84 19.88 10.03
N PRO A 151 -19.82 20.76 10.24
CA PRO A 151 -19.58 22.20 10.09
C PRO A 151 -18.53 22.70 11.07
N SER A 152 -17.93 23.84 10.71
CA SER A 152 -16.89 24.46 11.52
C SER A 152 -17.35 24.74 12.94
N THR A 153 -18.63 25.07 13.12
CA THR A 153 -19.16 25.33 14.45
C THR A 153 -19.46 24.07 15.24
N GLY A 154 -19.27 22.90 14.64
CA GLY A 154 -19.30 21.66 15.38
C GLY A 154 -20.70 21.19 15.72
N LYS A 155 -20.75 20.23 16.63
CA LYS A 155 -22.01 19.63 17.04
C LYS A 155 -22.85 20.59 17.85
N SER A 156 -22.24 21.44 18.68
CA SER A 156 -23.01 22.38 19.50
C SER A 156 -23.80 23.36 18.66
N LYS A 157 -23.37 23.62 17.42
CA LYS A 157 -23.94 24.61 16.52
C LYS A 157 -23.82 26.04 17.06
N THR A 158 -23.10 26.25 18.17
CA THR A 158 -23.05 27.56 18.79
C THR A 158 -22.56 28.59 17.80
N GLY A 159 -23.36 29.65 17.61
CA GLY A 159 -23.07 30.72 16.68
C GLY A 159 -23.26 30.38 15.21
N SER A 160 -23.64 29.15 14.86
CA SER A 160 -23.74 28.82 13.45
C SER A 160 -24.80 29.68 12.76
N MET A 161 -24.50 30.11 11.53
CA MET A 161 -25.49 30.81 10.74
C MET A 161 -26.34 29.87 9.91
N HIS A 162 -26.07 28.58 9.93
CA HIS A 162 -26.93 27.62 9.23
C HIS A 162 -28.30 27.59 9.87
N SER A 163 -29.33 27.77 9.05
CA SER A 163 -30.70 27.75 9.54
C SER A 163 -31.09 26.33 9.96
N ASP A 164 -31.79 26.22 11.08
CA ASP A 164 -32.31 24.93 11.51
C ASP A 164 -33.58 24.55 10.76
N LYS A 165 -34.16 25.47 10.00
CA LYS A 165 -35.38 25.23 9.25
C LYS A 165 -35.13 24.83 7.81
N LYS A 166 -33.90 24.99 7.32
CA LYS A 166 -33.57 24.74 5.93
C LYS A 166 -32.41 23.76 5.85
N ALA A 167 -32.37 22.97 4.78
CA ALA A 167 -31.29 22.02 4.58
C ALA A 167 -29.98 22.75 4.34
N ASN A 168 -28.89 22.08 4.67
CA ASN A 168 -27.56 22.62 4.42
C ASN A 168 -26.95 21.83 3.28
N PRO A 169 -26.69 22.43 2.12
CA PRO A 169 -26.19 21.65 0.97
C PRO A 169 -24.70 21.36 0.99
N THR A 170 -23.98 21.85 2.00
CA THR A 170 -22.53 21.75 2.04
C THR A 170 -22.09 20.30 2.11
N HIS A 171 -21.00 19.99 1.40
CA HIS A 171 -20.36 18.69 1.47
C HIS A 171 -19.35 18.70 2.61
N TYR A 172 -19.56 17.88 3.62
CA TYR A 172 -18.58 17.77 4.71
C TYR A 172 -17.86 16.43 4.55
N ARG A 173 -16.81 16.45 3.74
CA ARG A 173 -16.08 15.24 3.38
C ARG A 173 -15.06 14.87 4.44
N TYR A 174 -14.58 13.63 4.37
CA TYR A 174 -13.51 13.21 5.27
C TYR A 174 -12.19 13.86 4.89
N SER A 175 -11.41 14.23 5.91
CA SER A 175 -10.10 14.81 5.64
C SER A 175 -9.23 13.85 4.84
N SER A 176 -9.34 12.55 5.11
CA SER A 176 -8.59 11.55 4.36
C SER A 176 -8.99 11.48 2.88
N VAL A 177 -10.21 11.85 2.53
CA VAL A 177 -10.61 11.86 1.13
C VAL A 177 -9.91 13.01 0.38
N TYR A 178 -9.97 14.23 0.94
CA TYR A 178 -9.25 15.35 0.34
C TYR A 178 -7.75 15.09 0.28
N LEU A 179 -7.18 14.55 1.35
CA LEU A 179 -5.74 14.26 1.35
C LEU A 179 -5.38 13.30 0.22
N GLN A 180 -6.13 12.21 0.06
CA GLN A 180 -5.82 11.27 -1.01
C GLN A 180 -6.00 11.91 -2.37
N LEU A 181 -7.06 12.71 -2.53
CA LEU A 181 -7.28 13.42 -3.79
C LEU A 181 -6.07 14.27 -4.15
N LEU A 182 -5.58 15.06 -3.19
CA LEU A 182 -4.41 15.89 -3.47
C LEU A 182 -3.17 15.05 -3.75
N LYS A 183 -3.01 13.93 -3.03
CA LYS A 183 -1.84 13.07 -3.19
C LYS A 183 -1.83 12.41 -4.55
N GLU A 184 -2.99 11.97 -5.03
CA GLU A 184 -3.04 11.07 -6.18
C GLU A 184 -3.28 11.78 -7.50
N LEU A 185 -3.71 13.04 -7.46
CA LEU A 185 -3.98 13.77 -8.68
C LEU A 185 -2.73 13.84 -9.55
N ARG A 186 -2.92 13.67 -10.86
CA ARG A 186 -1.86 13.87 -11.85
C ARG A 186 -2.38 14.74 -12.98
N TRP A 187 -1.53 15.61 -13.51
CA TRP A 187 -1.90 16.55 -14.55
C TRP A 187 -0.77 16.66 -15.55
N THR A 188 -1.12 16.65 -16.84
CA THR A 188 -0.14 16.75 -17.92
C THR A 188 -0.31 18.08 -18.64
N ASP A 189 0.80 18.80 -18.82
CA ASP A 189 0.76 20.14 -19.39
C ASP A 189 0.78 20.07 -20.92
N ALA A 190 0.73 21.25 -21.55
CA ALA A 190 0.63 21.31 -23.01
C ALA A 190 1.83 20.69 -23.70
N ARG A 191 2.97 20.62 -23.01
CA ARG A 191 4.20 20.10 -23.59
C ARG A 191 4.46 18.64 -23.24
N GLY A 192 3.51 17.97 -22.58
CA GLY A 192 3.62 16.55 -22.35
C GLY A 192 4.21 16.13 -21.01
N MET A 193 4.60 17.08 -20.16
CA MET A 193 5.14 16.73 -18.86
C MET A 193 4.01 16.56 -17.86
N GLN A 194 4.15 15.55 -16.99
CA GLN A 194 3.17 15.29 -15.95
C GLN A 194 3.63 15.86 -14.61
N TRP A 195 2.66 16.31 -13.82
CA TRP A 195 2.90 16.96 -12.55
C TRP A 195 2.00 16.34 -11.48
N ARG A 196 2.40 16.52 -10.23
CA ARG A 196 1.60 16.13 -9.08
C ARG A 196 1.77 17.19 -8.00
N PHE A 197 0.94 17.10 -6.96
CA PHE A 197 1.06 17.94 -5.79
C PHE A 197 1.89 17.21 -4.74
N ASN A 198 3.03 17.80 -4.36
CA ASN A 198 3.75 17.36 -3.17
C ASN A 198 3.00 17.95 -1.98
N VAL A 199 2.24 17.11 -1.28
CA VAL A 199 1.43 17.57 -0.17
C VAL A 199 2.34 17.66 1.05
N LEU A 200 2.66 18.89 1.47
CA LEU A 200 3.68 19.08 2.49
C LEU A 200 3.18 18.66 3.86
N TRP A 201 1.89 18.74 4.11
CA TRP A 201 1.34 18.43 5.43
C TRP A 201 -0.17 18.56 5.38
N ALA A 202 -0.82 17.95 6.38
CA ALA A 202 -2.19 18.27 6.76
C ALA A 202 -2.20 18.62 8.23
N LYS A 203 -2.91 19.70 8.58
CA LYS A 203 -2.97 20.22 9.94
C LYS A 203 -4.38 20.70 10.25
N SER A 204 -4.70 20.73 11.55
CA SER A 204 -5.94 21.35 12.01
C SER A 204 -5.68 22.82 12.33
N VAL A 205 -6.65 23.68 12.00
CA VAL A 205 -6.55 25.10 12.35
C VAL A 205 -6.61 25.24 13.87
N PRO A 206 -5.55 25.74 14.52
CA PRO A 206 -5.52 25.74 15.99
C PRO A 206 -6.60 26.59 16.65
N THR A 207 -6.97 27.71 16.02
CA THR A 207 -8.05 28.53 16.55
C THR A 207 -9.30 27.70 16.78
N TYR A 208 -9.62 26.81 15.85
CA TYR A 208 -10.85 26.03 16.00
C TYR A 208 -10.69 24.90 17.00
N VAL A 209 -9.49 24.34 17.12
CA VAL A 209 -9.21 23.42 18.22
C VAL A 209 -9.43 24.12 19.55
N GLU A 210 -8.82 25.30 19.70
CA GLU A 210 -8.72 25.94 21.01
C GLU A 210 -10.06 26.52 21.44
N ARG A 211 -10.75 27.18 20.50
CA ARG A 211 -11.94 27.98 20.81
C ARG A 211 -13.23 27.28 20.45
N VAL A 212 -13.20 26.22 19.65
CA VAL A 212 -14.41 25.53 19.21
C VAL A 212 -14.34 24.05 19.54
N LEU A 213 -13.19 23.57 20.01
CA LEU A 213 -12.96 22.14 20.25
C LEU A 213 -13.29 21.34 18.99
N ASN A 214 -12.91 21.89 17.85
CA ASN A 214 -13.13 21.27 16.55
C ASN A 214 -11.78 21.06 15.89
N TRP A 215 -11.34 19.79 15.82
CA TRP A 215 -10.09 19.41 15.16
C TRP A 215 -10.26 19.17 13.66
N ARG A 216 -11.46 19.35 13.12
CA ARG A 216 -11.76 18.97 11.74
C ARG A 216 -11.85 20.16 10.80
N GLN A 217 -11.22 21.29 11.15
CA GLN A 217 -10.92 22.37 10.22
C GLN A 217 -9.52 22.04 9.71
N VAL A 218 -9.45 21.26 8.63
CA VAL A 218 -8.18 20.71 8.16
C VAL A 218 -7.72 21.54 6.97
N HIS A 219 -6.42 21.82 6.90
CA HIS A 219 -5.90 22.48 5.72
C HIS A 219 -4.59 21.82 5.28
N TRP A 220 -4.25 22.09 4.03
CA TRP A 220 -3.14 21.45 3.33
C TRP A 220 -2.38 22.49 2.53
N LEU A 221 -1.06 22.33 2.47
CA LEU A 221 -0.22 23.13 1.58
C LEU A 221 0.48 22.20 0.59
N CYS A 222 0.39 22.50 -0.70
CA CYS A 222 0.90 21.64 -1.74
C CYS A 222 1.81 22.41 -2.68
N VAL A 223 2.80 21.72 -3.24
CA VAL A 223 3.73 22.27 -4.21
C VAL A 223 3.60 21.48 -5.50
N LYS A 224 3.49 22.17 -6.64
CA LYS A 224 3.40 21.50 -7.93
C LYS A 224 4.80 21.03 -8.33
N VAL A 225 4.99 19.71 -8.44
CA VAL A 225 6.31 19.16 -8.71
C VAL A 225 6.20 18.16 -9.85
N PRO A 226 7.29 17.93 -10.59
CA PRO A 226 7.27 16.92 -11.65
C PRO A 226 6.92 15.54 -11.12
N ALA A 227 6.20 14.78 -11.94
CA ALA A 227 5.77 13.42 -11.59
C ALA A 227 5.77 12.58 -12.87
N GLN A 228 6.85 11.85 -13.11
CA GLN A 228 6.85 10.89 -14.21
C GLN A 228 5.93 9.72 -13.88
N ASP A 229 6.08 9.17 -12.67
CA ASP A 229 5.17 8.16 -12.16
C ASP A 229 3.77 8.76 -12.02
N GLY A 230 2.78 7.89 -11.82
CA GLY A 230 1.40 8.33 -11.74
C GLY A 230 0.68 7.83 -10.52
N GLY A 231 -0.25 8.65 -10.05
CA GLY A 231 -1.32 8.18 -9.20
C GLY A 231 -2.51 7.92 -10.10
N ILE A 232 -3.42 8.88 -10.21
CA ILE A 232 -4.58 8.78 -11.09
C ILE A 232 -4.66 10.06 -11.93
N SER A 233 -4.62 9.90 -13.25
CA SER A 233 -4.70 11.02 -14.17
C SER A 233 -6.08 11.19 -14.78
N ASN A 234 -6.83 10.10 -14.91
CA ASN A 234 -8.18 10.16 -15.47
C ASN A 234 -9.12 10.85 -14.50
N GLU A 235 -9.87 11.84 -14.98
CA GLU A 235 -10.74 12.59 -14.08
C GLU A 235 -11.85 11.70 -13.52
N LYS A 236 -12.42 10.83 -14.37
CA LYS A 236 -13.51 9.99 -13.91
C LYS A 236 -13.04 8.97 -12.88
N ALA A 237 -11.86 8.38 -13.08
CA ALA A 237 -11.28 7.51 -12.08
C ALA A 237 -11.02 8.26 -10.77
N LEU A 238 -10.63 9.53 -10.86
CA LEU A 238 -10.41 10.30 -9.64
C LEU A 238 -11.72 10.51 -8.88
N ILE A 239 -12.80 10.84 -9.61
CA ILE A 239 -14.11 11.03 -9.00
C ILE A 239 -14.54 9.75 -8.27
N SER A 240 -14.41 8.60 -8.93
CA SER A 240 -14.81 7.35 -8.30
C SER A 240 -13.95 7.05 -7.08
N ALA A 241 -12.66 7.40 -7.14
CA ALA A 241 -11.78 7.16 -6.01
C ALA A 241 -12.26 7.86 -4.75
N MET A 242 -12.88 9.03 -4.88
CA MET A 242 -13.31 9.77 -3.69
C MET A 242 -14.36 8.99 -2.92
N GLY A 243 -15.26 8.31 -3.64
CA GLY A 243 -16.23 7.45 -2.98
C GLY A 243 -15.60 6.20 -2.40
N ARG A 244 -14.66 5.58 -3.13
CA ARG A 244 -13.97 4.41 -2.61
C ARG A 244 -13.18 4.76 -1.35
N TRP A 245 -12.52 5.93 -1.34
CA TRP A 245 -11.76 6.34 -0.16
C TRP A 245 -12.66 6.55 1.04
N LYS A 246 -13.89 7.07 0.83
CA LYS A 246 -14.81 7.20 1.96
C LYS A 246 -15.19 5.84 2.51
N ILE A 247 -15.45 4.87 1.63
CA ILE A 247 -15.81 3.53 2.08
C ILE A 247 -14.66 2.91 2.87
N ILE A 248 -13.45 2.97 2.33
CA ILE A 248 -12.28 2.43 3.03
C ILE A 248 -12.13 3.07 4.39
N GLN A 249 -12.37 4.39 4.50
CA GLN A 249 -12.29 5.04 5.79
C GLN A 249 -13.36 4.53 6.75
N ASP A 250 -14.60 4.35 6.27
CA ASP A 250 -15.66 3.81 7.14
C ASP A 250 -15.26 2.43 7.69
N HIS A 251 -14.59 1.62 6.89
CA HIS A 251 -14.18 0.32 7.37
C HIS A 251 -13.00 0.42 8.34
N THR A 252 -12.16 1.45 8.18
CA THR A 252 -11.09 1.69 9.15
C THR A 252 -11.66 2.05 10.50
N GLU A 253 -12.70 2.89 10.53
CA GLU A 253 -13.34 3.23 11.80
C GLU A 253 -13.95 1.99 12.44
N TYR A 254 -14.69 1.22 11.65
CA TYR A 254 -15.29 -0.02 12.16
C TYR A 254 -14.22 -0.92 12.78
N LEU A 255 -13.04 -0.98 12.17
CA LEU A 255 -11.97 -1.82 12.69
C LEU A 255 -11.31 -1.23 13.92
N LEU A 256 -11.08 0.09 13.96
CA LEU A 256 -10.25 0.68 14.99
C LEU A 256 -11.03 1.17 16.21
N ASN A 257 -12.34 1.41 16.07
CA ASN A 257 -13.09 2.08 17.12
C ASN A 257 -12.99 1.33 18.44
N GLY A 258 -12.55 2.03 19.48
CA GLY A 258 -12.49 1.47 20.81
C GLY A 258 -11.36 0.49 21.07
N LYS A 259 -10.47 0.28 20.11
CA LYS A 259 -9.34 -0.64 20.33
C LYS A 259 -8.16 0.14 20.88
N THR A 260 -7.63 -0.32 22.00
CA THR A 260 -6.46 0.32 22.58
C THR A 260 -5.19 -0.22 21.93
N SER A 261 -4.16 0.61 21.88
CA SER A 261 -2.90 0.20 21.28
C SER A 261 -2.25 -0.90 22.10
N TRP A 262 -1.64 -1.85 21.40
CA TRP A 262 -0.89 -2.90 22.07
C TRP A 262 0.35 -2.35 22.77
N ALA A 263 0.81 -1.15 22.36
CA ALA A 263 2.01 -0.56 22.95
C ALA A 263 1.70 0.25 24.20
N THR A 264 0.42 0.38 24.58
CA THR A 264 0.06 1.38 25.57
C THR A 264 0.59 1.05 26.96
N ASP A 265 0.56 -0.23 27.35
CA ASP A 265 1.02 -0.60 28.67
C ASP A 265 2.51 -0.29 28.87
N VAL A 266 3.33 -0.62 27.86
CA VAL A 266 4.76 -0.34 27.95
C VAL A 266 5.01 1.15 28.04
N ILE A 267 4.36 1.92 27.16
CA ILE A 267 4.61 3.36 27.08
C ILE A 267 4.19 4.05 28.38
N ASN A 268 2.98 3.77 28.87
CA ASN A 268 2.54 4.37 30.13
C ASN A 268 3.50 4.10 31.25
N ASN A 269 4.13 2.93 31.24
CA ASN A 269 4.95 2.54 32.37
C ASN A 269 6.23 3.35 32.40
N VAL A 270 6.95 3.39 31.28
CA VAL A 270 8.22 4.09 31.26
C VAL A 270 8.00 5.60 31.29
N ILE A 271 6.98 6.08 30.58
CA ILE A 271 6.74 7.53 30.57
C ILE A 271 6.32 8.00 31.95
N SER A 272 5.69 7.13 32.75
CA SER A 272 5.37 7.50 34.12
C SER A 272 6.60 7.74 34.98
N LYS A 273 7.79 7.33 34.51
CA LYS A 273 9.02 7.47 35.29
C LYS A 273 9.89 8.62 34.81
N VAL A 274 9.50 9.29 33.73
CA VAL A 274 10.39 10.25 33.08
C VAL A 274 9.84 11.65 33.26
N ASP A 275 10.75 12.60 33.39
CA ASP A 275 10.44 14.02 33.40
C ASP A 275 10.97 14.64 32.10
N PHE A 276 10.08 15.12 31.27
CA PHE A 276 10.50 15.71 30.00
C PHE A 276 10.82 17.20 30.13
N ASN A 280 8.87 22.32 29.52
CA ASN A 280 8.56 23.61 28.91
C ASN A 280 8.07 23.48 27.46
N LEU A 281 8.49 22.41 26.76
CA LEU A 281 8.25 22.21 25.34
C LEU A 281 7.18 21.16 25.08
N PRO A 282 6.56 21.17 23.89
CA PRO A 282 5.66 20.07 23.54
C PRO A 282 6.43 18.80 23.24
N LEU A 283 5.74 17.67 23.39
CA LEU A 283 6.33 16.38 23.03
C LEU A 283 5.99 16.04 21.59
N TYR A 284 6.92 15.38 20.92
CA TYR A 284 6.73 14.93 19.56
C TYR A 284 6.38 13.43 19.54
N VAL A 285 5.26 13.08 18.91
CA VAL A 285 4.80 11.69 18.84
C VAL A 285 4.74 11.28 17.37
N TYR A 286 5.18 10.06 17.09
CA TYR A 286 5.21 9.55 15.73
C TYR A 286 4.67 8.12 15.71
N SER A 287 3.67 7.87 14.87
CA SER A 287 3.00 6.56 14.78
C SER A 287 2.68 6.25 13.32
N PRO A 288 3.53 5.47 12.64
CA PRO A 288 3.26 5.17 11.22
C PRO A 288 2.36 3.95 10.99
N ARG A 289 2.34 3.01 11.94
CA ARG A 289 1.64 1.71 11.88
C ARG A 289 2.03 0.91 10.63
N VAL A 290 3.29 0.47 10.64
CA VAL A 290 3.79 -0.31 9.53
C VAL A 290 3.36 -1.77 9.66
N VAL A 291 3.70 -2.43 10.77
CA VAL A 291 3.43 -3.86 10.88
C VAL A 291 2.02 -4.14 11.37
N SER A 292 1.34 -3.16 11.97
CA SER A 292 0.02 -3.47 12.51
C SER A 292 -0.78 -2.19 12.69
N PRO A 293 -2.06 -2.17 12.30
CA PRO A 293 -2.90 -1.00 12.59
C PRO A 293 -3.12 -0.77 14.07
N PHE A 294 -2.82 -1.75 14.91
CA PHE A 294 -3.10 -1.69 16.34
C PHE A 294 -1.88 -1.34 17.18
N VAL A 295 -0.75 -1.00 16.55
CA VAL A 295 0.43 -0.58 17.28
C VAL A 295 0.63 0.89 16.97
N PHE A 296 0.30 1.74 17.94
CA PHE A 296 0.39 3.18 17.77
C PHE A 296 0.60 3.82 19.14
N VAL A 297 0.97 5.08 19.13
CA VAL A 297 1.13 5.84 20.36
C VAL A 297 -0.21 6.48 20.75
N ASP A 298 -0.67 6.21 21.97
CA ASP A 298 -1.87 6.86 22.51
C ASP A 298 -1.45 8.23 23.02
N SER A 299 -1.59 9.24 22.16
CA SER A 299 -1.17 10.59 22.51
C SER A 299 -2.01 11.15 23.64
N HIS A 300 -3.28 10.78 23.72
CA HIS A 300 -4.11 11.35 24.77
C HIS A 300 -3.69 10.85 26.14
N ASN A 301 -3.18 9.63 26.21
CA ASN A 301 -2.65 9.15 27.47
C ASN A 301 -1.34 9.84 27.81
N ILE A 302 -0.53 10.16 26.80
CA ILE A 302 0.72 10.87 27.03
C ILE A 302 0.44 12.24 27.67
N ALA A 303 -0.54 12.95 27.13
CA ALA A 303 -0.85 14.30 27.60
C ALA A 303 -1.45 14.27 28.99
N ALA A 304 -2.34 13.31 29.26
CA ALA A 304 -2.91 13.20 30.59
C ALA A 304 -1.86 12.86 31.64
N MET A 305 -0.86 12.07 31.28
CA MET A 305 0.14 11.66 32.26
C MET A 305 1.25 12.70 32.45
N THR A 306 1.70 13.33 31.36
CA THR A 306 2.80 14.28 31.45
C THR A 306 2.32 15.70 31.68
N GLY A 307 1.06 16.01 31.36
CA GLY A 307 0.59 17.36 31.37
C GLY A 307 1.11 18.21 30.24
N LEU A 308 1.88 17.65 29.32
CA LEU A 308 2.48 18.46 28.27
C LEU A 308 1.61 18.42 27.01
N SER A 309 1.80 19.43 26.17
CA SER A 309 1.17 19.39 24.86
C SER A 309 1.90 18.38 23.99
N VAL A 310 1.16 17.81 23.04
CA VAL A 310 1.66 16.71 22.22
C VAL A 310 1.36 17.05 20.76
N TRP A 311 2.37 16.93 19.91
CA TRP A 311 2.19 16.97 18.46
C TRP A 311 2.44 15.55 17.95
N ALA A 312 1.41 14.91 17.39
CA ALA A 312 1.49 13.51 16.97
C ALA A 312 1.33 13.41 15.47
N VAL A 313 2.21 12.65 14.82
CA VAL A 313 2.20 12.47 13.37
C VAL A 313 1.75 11.06 13.06
N GLU A 314 0.73 10.94 12.22
CA GLU A 314 0.34 9.69 11.57
C GLU A 314 0.62 9.83 10.07
N THR A 315 1.29 8.85 9.47
CA THR A 315 1.65 8.93 8.07
C THR A 315 0.66 8.21 7.14
N ASN A 316 -0.27 7.45 7.69
CA ASN A 316 -1.32 6.81 6.89
C ASN A 316 -2.55 7.70 6.93
N PRO A 317 -3.07 8.17 5.79
CA PRO A 317 -4.24 9.09 5.83
C PRO A 317 -5.44 8.52 6.56
N LEU A 318 -5.67 7.20 6.49
CA LEU A 318 -6.81 6.59 7.17
C LEU A 318 -6.64 6.67 8.68
N PHE A 319 -5.43 6.42 9.19
CA PHE A 319 -5.22 6.46 10.63
C PHE A 319 -5.15 7.88 11.14
N TYR A 320 -4.59 8.78 10.35
CA TYR A 320 -4.64 10.20 10.68
C TYR A 320 -6.07 10.67 10.88
N ARG A 321 -6.96 10.35 9.94
CA ARG A 321 -8.36 10.79 10.10
C ARG A 321 -9.00 10.17 11.34
N HIS A 322 -8.70 8.89 11.61
CA HIS A 322 -9.27 8.25 12.80
C HIS A 322 -8.82 8.94 14.08
N MET A 323 -7.56 9.40 14.12
CA MET A 323 -7.07 10.07 15.34
C MET A 323 -7.66 11.48 15.49
N LEU A 324 -7.99 12.15 14.38
CA LEU A 324 -8.78 13.38 14.49
C LEU A 324 -10.15 13.11 15.13
N ASN A 325 -10.82 12.03 14.72
CA ASN A 325 -12.05 11.62 15.42
C ASN A 325 -11.80 11.50 16.92
N ARG A 326 -10.74 10.79 17.31
CA ARG A 326 -10.42 10.62 18.72
C ARG A 326 -10.21 11.97 19.41
N CYS A 327 -9.52 12.90 18.75
CA CYS A 327 -9.32 14.24 19.29
C CYS A 327 -10.64 14.95 19.58
N VAL A 328 -11.57 14.89 18.62
CA VAL A 328 -12.88 15.52 18.82
C VAL A 328 -13.60 14.88 19.99
N GLU A 329 -13.44 13.55 20.14
CA GLU A 329 -14.15 12.89 21.23
C GLU A 329 -13.51 13.22 22.58
N ALA A 330 -12.18 13.25 22.65
CA ALA A 330 -11.48 13.47 23.91
C ALA A 330 -11.55 14.92 24.38
N LYS A 331 -11.55 15.87 23.45
CA LYS A 331 -11.65 17.29 23.77
C LYS A 331 -10.48 17.76 24.63
N ASP A 332 -9.30 17.20 24.42
CA ASP A 332 -8.11 17.62 25.15
C ASP A 332 -7.30 18.52 24.23
N ARG A 333 -7.35 19.82 24.50
CA ARG A 333 -6.68 20.80 23.65
C ARG A 333 -5.16 20.66 23.64
N ARG A 334 -4.59 19.89 24.57
CA ARG A 334 -3.16 19.67 24.55
C ARG A 334 -2.72 18.76 23.40
N VAL A 335 -3.62 18.05 22.75
CA VAL A 335 -3.24 17.06 21.75
C VAL A 335 -3.65 17.55 20.36
N GLN A 336 -2.69 17.53 19.44
CA GLN A 336 -2.94 17.86 18.05
C GLN A 336 -2.28 16.82 17.16
N TYR A 337 -2.94 16.51 16.06
CA TYR A 337 -2.43 15.55 15.09
C TYR A 337 -2.05 16.26 13.79
N GLY A 338 -1.05 15.70 13.11
CA GLY A 338 -0.72 16.13 11.78
C GLY A 338 -0.52 14.93 10.89
N TRP A 339 -0.66 15.16 9.58
CA TRP A 339 -0.25 14.18 8.59
C TRP A 339 0.98 14.69 7.86
N ASN A 340 1.92 13.79 7.60
CA ASN A 340 3.05 14.03 6.72
C ASN A 340 3.34 12.73 5.98
N ALA A 341 3.93 12.85 4.79
CA ALA A 341 4.28 11.66 4.04
C ALA A 341 5.24 10.76 4.83
N ASP A 342 6.16 11.35 5.58
CA ASP A 342 7.17 10.59 6.31
C ASP A 342 7.79 11.52 7.35
N LEU A 343 8.73 10.96 8.11
CA LEU A 343 9.40 11.72 9.16
C LEU A 343 10.08 12.95 8.59
N GLN A 344 10.80 12.79 7.47
CA GLN A 344 11.51 13.92 6.88
C GLN A 344 10.57 15.07 6.53
N SER A 345 9.35 14.76 6.07
CA SER A 345 8.43 15.84 5.72
C SER A 345 8.06 16.66 6.96
N SER A 346 7.82 15.98 8.08
CA SER A 346 7.54 16.65 9.35
C SER A 346 8.73 17.47 9.84
N ILE A 347 9.94 16.91 9.75
CA ILE A 347 11.15 17.65 10.11
C ILE A 347 11.28 18.91 9.24
N ASN A 348 10.99 18.76 7.94
CA ASN A 348 11.05 19.89 7.01
C ASN A 348 10.15 21.03 7.47
N ASP A 349 8.91 20.72 7.84
CA ASP A 349 7.98 21.78 8.21
C ASP A 349 8.38 22.42 9.54
N TRP A 350 8.59 21.60 10.57
CA TRP A 350 8.90 22.14 11.89
C TRP A 350 10.27 22.82 11.91
N GLY A 351 11.22 22.34 11.11
CA GLY A 351 12.51 23.00 11.04
C GLY A 351 12.41 24.37 10.42
N LEU A 352 11.58 24.52 9.38
CA LEU A 352 11.34 25.84 8.80
C LEU A 352 10.75 26.80 9.82
N LYS A 353 9.95 26.29 10.76
CA LYS A 353 9.43 27.14 11.83
C LYS A 353 10.39 27.31 13.00
N LYS A 354 11.55 26.66 12.97
CA LYS A 354 12.49 26.68 14.10
C LYS A 354 11.81 26.23 15.40
N ALA A 355 10.88 25.30 15.28
CA ALA A 355 10.25 24.74 16.46
C ALA A 355 11.11 23.66 17.07
N ARG A 356 10.99 23.48 18.38
CA ARG A 356 11.71 22.45 19.10
C ARG A 356 10.76 21.64 19.98
N PHE A 357 10.97 20.33 20.04
CA PHE A 357 10.19 19.45 20.90
C PHE A 357 11.07 18.94 22.04
N GLY A 358 10.45 18.72 23.20
CA GLY A 358 11.18 18.34 24.39
C GLY A 358 11.52 16.87 24.52
N GLY A 359 11.04 16.03 23.62
CA GLY A 359 11.29 14.61 23.65
C GLY A 359 10.43 13.96 22.58
N VAL A 360 10.70 12.67 22.34
CA VAL A 360 10.02 11.89 21.31
C VAL A 360 9.47 10.61 21.90
N ILE A 361 8.22 10.31 21.61
CA ILE A 361 7.63 9.01 21.94
C ILE A 361 7.06 8.44 20.66
N ALA A 362 7.51 7.25 20.27
CA ALA A 362 7.20 6.76 18.94
C ALA A 362 6.98 5.25 18.96
N THR A 363 6.33 4.77 17.92
CA THR A 363 6.39 3.38 17.52
C THR A 363 7.03 3.33 16.15
N GLU A 364 7.93 2.36 15.94
CA GLU A 364 8.48 2.06 14.62
C GLU A 364 9.22 3.25 14.00
N LEU A 365 9.83 4.09 14.84
CA LEU A 365 10.61 5.21 14.31
C LEU A 365 11.77 4.72 13.44
N PHE A 366 12.46 3.66 13.87
CA PHE A 366 13.55 3.11 13.08
C PHE A 366 13.04 2.18 11.98
N MET A 367 12.00 1.40 12.28
CA MET A 367 11.42 0.50 11.29
C MET A 367 10.98 1.23 10.01
N ALA A 368 10.53 2.47 10.14
CA ALA A 368 9.79 3.14 9.06
C ALA A 368 10.58 4.20 8.32
N ASN A 369 11.82 4.49 8.70
CA ASN A 369 12.43 5.74 8.28
C ASN A 369 13.88 5.55 7.83
N SER A 370 14.28 6.42 6.90
CA SER A 370 15.63 6.40 6.35
C SER A 370 16.65 6.85 7.39
N ASP A 371 17.91 6.47 7.15
CA ASP A 371 19.01 6.93 7.99
C ASP A 371 19.13 8.45 7.95
N THR A 372 18.95 9.04 6.77
CA THR A 372 19.09 10.50 6.66
C THR A 372 18.03 11.21 7.48
N SER A 373 16.81 10.68 7.50
CA SER A 373 15.76 11.39 8.23
C SER A 373 15.95 11.25 9.74
N LEU A 374 16.45 10.09 10.20
CA LEU A 374 16.72 9.94 11.62
C LEU A 374 17.88 10.83 12.05
N MET A 375 18.87 10.97 11.18
CA MET A 375 19.95 11.92 11.42
C MET A 375 19.43 13.36 11.48
N ALA A 376 18.40 13.68 10.69
CA ALA A 376 17.89 15.05 10.66
C ALA A 376 16.98 15.36 11.83
N LEU A 377 16.54 14.35 12.58
CA LEU A 377 15.56 14.57 13.64
C LEU A 377 16.07 15.55 14.69
N LYS A 378 17.39 15.59 14.92
CA LYS A 378 17.94 16.53 15.90
C LYS A 378 17.54 17.97 15.60
N GLU A 379 17.31 18.31 14.33
CA GLU A 379 17.00 19.70 13.97
C GLU A 379 15.74 20.23 14.67
N ILE A 380 14.85 19.35 15.14
CA ILE A 380 13.61 19.83 15.75
C ILE A 380 13.50 19.43 17.22
N LEU A 381 14.62 19.05 17.85
CA LEU A 381 14.60 18.56 19.21
C LEU A 381 15.43 19.47 20.11
N ASP A 382 14.99 19.57 21.37
CA ASP A 382 15.77 20.22 22.41
C ASP A 382 17.08 19.45 22.66
N ASP A 383 18.08 20.15 23.17
CA ASP A 383 19.37 19.53 23.41
C ASP A 383 19.25 18.33 24.34
N ASN A 384 19.91 17.22 23.97
CA ASN A 384 19.87 15.97 24.73
C ASN A 384 18.43 15.52 24.98
N ALA A 385 17.49 15.85 24.09
CA ALA A 385 16.14 15.31 24.21
C ALA A 385 16.21 13.79 24.18
N ASN A 386 15.26 13.16 24.86
CA ASN A 386 15.24 11.71 24.90
C ASN A 386 14.19 11.17 23.95
N ILE A 387 14.50 10.03 23.34
CA ILE A 387 13.65 9.37 22.36
C ILE A 387 13.32 7.98 22.88
N PHE A 388 12.02 7.68 22.99
CA PHE A 388 11.55 6.35 23.32
C PHE A 388 10.77 5.84 22.12
N THR A 389 11.17 4.68 21.59
CA THR A 389 10.44 4.11 20.47
C THR A 389 10.29 2.60 20.63
N ILE A 390 9.08 2.12 20.34
CA ILE A 390 8.77 0.69 20.37
C ILE A 390 8.98 0.15 18.97
N GLU A 391 9.91 -0.81 18.83
CA GLU A 391 10.38 -1.29 17.55
C GLU A 391 10.10 -2.78 17.37
N PRO A 392 9.50 -3.17 16.26
CA PRO A 392 9.40 -4.60 15.93
C PRO A 392 10.73 -5.10 15.41
N ALA A 393 11.07 -6.35 15.75
CA ALA A 393 12.34 -6.89 15.30
C ALA A 393 12.25 -8.41 15.24
N LEU A 394 13.21 -9.01 14.55
CA LEU A 394 13.38 -10.46 14.64
C LEU A 394 13.99 -10.87 15.98
N SER A 395 14.88 -10.04 16.54
CA SER A 395 15.61 -10.29 17.77
C SER A 395 16.45 -9.06 18.07
N ILE A 396 17.00 -8.99 19.29
CA ILE A 396 17.89 -7.88 19.62
C ILE A 396 19.08 -7.89 18.67
N GLU A 397 19.62 -9.07 18.39
CA GLU A 397 20.77 -9.19 17.50
C GLU A 397 20.41 -8.76 16.08
N ASP A 398 19.22 -9.16 15.60
CA ASP A 398 18.76 -8.70 14.30
C ASP A 398 18.64 -7.19 14.28
N PHE A 399 18.02 -6.61 15.31
CA PHE A 399 17.85 -5.18 15.35
C PHE A 399 19.20 -4.46 15.40
N LYS A 400 20.10 -4.92 16.29
CA LYS A 400 21.37 -4.23 16.47
C LYS A 400 22.22 -4.28 15.20
N GLU A 401 22.34 -5.45 14.60
CA GLU A 401 22.83 -5.51 13.23
C GLU A 401 21.83 -4.79 12.34
N ASN A 402 22.32 -4.14 11.29
CA ASN A 402 21.52 -3.48 10.26
C ASN A 402 20.53 -2.41 10.77
N VAL A 403 20.65 -1.91 12.00
CA VAL A 403 20.12 -0.59 12.35
C VAL A 403 21.30 0.36 12.42
N VAL A 404 21.15 1.56 11.89
CA VAL A 404 22.19 2.56 11.96
C VAL A 404 21.82 3.52 13.07
N VAL A 405 22.66 3.64 14.09
CA VAL A 405 22.42 4.66 15.09
C VAL A 405 22.93 5.98 14.53
N PRO A 406 22.08 6.99 14.42
CA PRO A 406 22.56 8.31 13.97
C PRO A 406 23.75 8.76 14.81
N GLU A 407 24.72 9.38 14.13
CA GLU A 407 25.94 9.79 14.80
C GLU A 407 25.67 10.77 15.93
N ASN A 408 24.57 11.52 15.88
CA ASN A 408 24.32 12.54 16.89
C ASN A 408 23.48 12.04 18.05
N MET A 409 23.24 10.73 18.15
CA MET A 409 22.55 10.16 19.29
C MET A 409 23.24 8.87 19.70
N GLU A 410 22.81 8.32 20.83
CA GLU A 410 23.27 7.00 21.25
C GLU A 410 22.09 6.26 21.86
N MET A 411 22.03 4.95 21.63
CA MET A 411 21.03 4.09 22.23
C MET A 411 21.52 3.68 23.61
N ILE A 412 20.80 4.10 24.65
CA ILE A 412 21.22 3.70 25.99
C ILE A 412 20.44 2.51 26.51
N ALA A 413 19.42 2.04 25.80
CA ALA A 413 18.74 0.80 26.19
C ALA A 413 18.02 0.23 24.98
N ILE A 414 18.12 -1.09 24.82
CA ILE A 414 17.37 -1.85 23.82
C ILE A 414 16.76 -3.01 24.59
N THR A 415 15.55 -2.83 25.10
CA THR A 415 14.96 -3.72 26.08
C THR A 415 13.88 -4.58 25.44
N ASP A 416 13.99 -5.90 25.62
CA ASP A 416 12.93 -6.80 25.16
C ASP A 416 11.65 -6.51 25.93
N VAL A 417 10.60 -6.06 25.24
CA VAL A 417 9.32 -5.84 25.88
C VAL A 417 8.26 -6.72 25.21
N SER A 418 8.67 -7.87 24.67
CA SER A 418 7.76 -8.66 23.84
C SER A 418 6.52 -9.10 24.61
N ALA A 419 6.70 -9.53 25.87
CA ALA A 419 5.57 -10.02 26.65
C ALA A 419 4.52 -8.94 26.94
N TYR A 420 4.86 -7.66 26.80
CA TYR A 420 3.90 -6.60 27.09
C TYR A 420 3.19 -6.04 25.87
N VAL A 421 3.72 -6.25 24.67
CA VAL A 421 3.08 -5.69 23.48
C VAL A 421 2.29 -6.80 22.80
N VAL A 422 1.10 -7.08 23.33
CA VAL A 422 0.29 -8.21 22.88
C VAL A 422 -1.17 -7.78 22.84
N CYS A 423 -1.96 -8.51 22.06
CA CYS A 423 -3.40 -8.32 22.04
C CYS A 423 -4.02 -8.87 23.33
N PRO A 436 6.21 -12.86 18.01
CA PRO A 436 6.70 -11.54 17.61
C PRO A 436 7.53 -10.90 18.71
N CYS A 437 8.60 -10.24 18.30
CA CYS A 437 9.54 -9.59 19.20
C CYS A 437 9.39 -8.08 19.10
N TRP A 438 9.24 -7.42 20.25
CA TRP A 438 9.14 -5.96 20.37
C TRP A 438 10.22 -5.46 21.31
N LEU A 439 10.93 -4.40 20.88
CA LEU A 439 12.00 -3.79 21.65
C LEU A 439 11.59 -2.37 22.03
N LEU A 440 11.86 -1.98 23.28
CA LEU A 440 11.79 -0.58 23.69
C LEU A 440 13.18 0.01 23.56
N VAL A 441 13.34 0.93 22.62
CA VAL A 441 14.63 1.57 22.38
C VAL A 441 14.62 2.93 23.06
N HIS A 442 15.59 3.16 23.93
CA HIS A 442 15.75 4.43 24.62
C HIS A 442 17.01 5.08 24.09
N ALA A 443 16.86 6.23 23.43
CA ALA A 443 18.02 6.95 22.92
C ALA A 443 18.02 8.38 23.44
N ARG A 444 19.19 9.01 23.34
CA ARG A 444 19.35 10.39 23.76
C ARG A 444 20.27 11.09 22.77
N LEU A 445 20.04 12.39 22.60
CA LEU A 445 20.93 13.21 21.79
C LEU A 445 22.21 13.50 22.55
N LEU A 446 23.33 13.41 21.84
CA LEU A 446 24.62 13.68 22.46
C LEU A 446 24.90 15.18 22.53
N THR B 1 29.01 -24.69 5.34
CA THR B 1 29.00 -24.12 4.01
C THR B 1 28.09 -24.90 3.08
N TYR B 2 27.65 -24.25 2.01
CA TYR B 2 26.71 -24.92 1.12
C TYR B 2 27.41 -25.86 0.15
N PHE B 3 28.66 -25.58 -0.20
CA PHE B 3 29.37 -26.48 -1.10
C PHE B 3 29.62 -27.83 -0.42
N SER B 4 30.16 -27.81 0.79
CA SER B 4 30.39 -29.08 1.48
C SER B 4 29.07 -29.77 1.79
N PHE B 5 28.01 -29.00 2.07
CA PHE B 5 26.69 -29.62 2.18
C PHE B 5 26.40 -30.48 0.95
N TRP B 6 26.48 -29.89 -0.23
CA TRP B 6 26.06 -30.61 -1.43
C TRP B 6 27.11 -31.63 -1.86
N ASN B 7 28.39 -31.32 -1.65
CA ASN B 7 29.41 -32.26 -2.10
C ASN B 7 29.40 -33.56 -1.31
N LYS B 8 28.77 -33.59 -0.13
CA LYS B 8 28.78 -34.84 0.63
C LYS B 8 27.91 -35.92 -0.03
N PHE B 9 26.93 -35.54 -0.84
CA PHE B 9 26.20 -36.52 -1.65
C PHE B 9 26.82 -36.75 -3.02
N SER B 10 28.10 -36.39 -3.19
CA SER B 10 28.73 -36.48 -4.50
C SER B 10 28.61 -37.87 -5.11
N SER B 11 28.62 -38.92 -4.28
CA SER B 11 28.62 -40.29 -4.77
C SER B 11 27.23 -40.82 -5.11
N ASN B 12 26.17 -40.07 -4.80
CA ASN B 12 24.80 -40.50 -5.08
C ASN B 12 24.18 -39.47 -6.02
N ALA B 13 24.64 -39.46 -7.27
CA ALA B 13 24.13 -38.51 -8.26
C ALA B 13 22.88 -39.11 -8.87
N ASP B 14 21.75 -38.92 -8.19
CA ASP B 14 20.49 -39.53 -8.62
C ASP B 14 19.32 -38.67 -8.14
N ILE B 15 18.12 -39.09 -8.51
CA ILE B 15 16.94 -38.26 -8.27
C ILE B 15 16.59 -38.20 -6.78
N ASN B 16 16.98 -39.22 -6.02
CA ASN B 16 16.82 -39.13 -4.56
C ASN B 16 17.55 -37.91 -4.01
N THR B 17 18.80 -37.72 -4.45
CA THR B 17 19.61 -36.60 -3.98
C THR B 17 19.10 -35.27 -4.52
N MET B 18 18.57 -35.26 -5.74
CA MET B 18 18.05 -34.03 -6.33
C MET B 18 16.86 -33.49 -5.54
N MET B 19 16.05 -34.39 -5.00
CA MET B 19 14.90 -33.99 -4.21
C MET B 19 15.13 -34.19 -2.72
N LEU B 20 16.35 -34.55 -2.31
CA LEU B 20 16.68 -34.87 -0.92
C LEU B 20 15.59 -35.72 -0.29
N ASN B 21 15.19 -36.74 -1.03
CA ASN B 21 14.01 -37.54 -0.69
C ASN B 21 14.29 -38.98 -1.07
N ASN B 22 14.30 -39.87 -0.08
CA ASN B 22 14.58 -41.27 -0.34
C ASN B 22 13.49 -41.93 -1.17
N ASN B 23 12.33 -41.28 -1.31
CA ASN B 23 11.24 -41.79 -2.11
C ASN B 23 11.00 -40.91 -3.33
N ALA B 24 12.07 -40.39 -3.94
CA ALA B 24 11.90 -39.50 -5.09
C ALA B 24 11.19 -40.18 -6.25
N ASP B 25 11.22 -41.52 -6.31
CA ASP B 25 10.55 -42.23 -7.40
C ASP B 25 9.04 -42.00 -7.34
N GLN B 26 8.49 -41.70 -6.17
CA GLN B 26 7.08 -41.42 -6.01
C GLN B 26 6.72 -39.97 -6.32
N LEU B 27 7.70 -39.11 -6.55
CA LEU B 27 7.46 -37.68 -6.70
C LEU B 27 8.09 -37.11 -7.96
N GLU B 28 9.30 -37.54 -8.31
CA GLU B 28 10.08 -36.92 -9.38
C GLU B 28 9.32 -36.80 -10.70
N PRO B 29 8.66 -37.84 -11.25
CA PRO B 29 8.01 -37.67 -12.55
C PRO B 29 6.90 -36.62 -12.53
N PHE B 30 6.11 -36.59 -11.45
CA PHE B 30 4.98 -35.67 -11.39
C PHE B 30 5.43 -34.25 -11.10
N ASP B 31 6.45 -34.12 -10.26
CA ASP B 31 7.02 -32.81 -9.99
C ASP B 31 7.59 -32.20 -11.27
N ARG B 32 8.35 -33.00 -12.02
CA ARG B 32 8.96 -32.50 -13.24
C ARG B 32 7.88 -32.09 -14.25
N ALA B 33 6.84 -32.91 -14.40
CA ALA B 33 5.76 -32.57 -15.31
C ALA B 33 5.03 -31.31 -14.86
N ASP B 34 4.77 -31.18 -13.55
CA ASP B 34 4.17 -29.96 -13.02
C ASP B 34 4.98 -28.73 -13.41
N ILE B 35 6.29 -28.78 -13.19
CA ILE B 35 7.11 -27.62 -13.44
C ILE B 35 7.15 -27.32 -14.94
N ILE B 36 7.40 -28.35 -15.75
CA ILE B 36 7.55 -28.15 -17.19
C ILE B 36 6.28 -27.55 -17.79
N GLN B 37 5.12 -28.04 -17.36
CA GLN B 37 3.87 -27.62 -17.99
C GLN B 37 3.49 -26.19 -17.63
N ASP B 38 4.13 -25.59 -16.63
CA ASP B 38 3.88 -24.19 -16.30
C ASP B 38 4.84 -23.24 -16.98
N LEU B 39 5.92 -23.75 -17.57
CA LEU B 39 6.88 -22.93 -18.30
C LEU B 39 6.29 -22.50 -19.64
N PRO B 40 6.80 -21.41 -20.21
CA PRO B 40 6.45 -21.09 -21.60
C PRO B 40 7.04 -22.12 -22.55
N ASP B 41 6.63 -22.04 -23.81
CA ASP B 41 7.20 -22.90 -24.84
C ASP B 41 8.66 -22.51 -25.06
N PHE B 42 9.59 -23.40 -24.67
CA PHE B 42 11.01 -23.11 -24.83
C PHE B 42 11.58 -23.64 -26.12
N THR B 43 10.73 -23.99 -27.10
CA THR B 43 11.20 -24.41 -28.42
C THR B 43 12.04 -23.30 -29.04
N GLY B 44 13.27 -23.64 -29.41
CA GLY B 44 14.15 -22.67 -30.03
C GLY B 44 14.76 -21.65 -29.10
N MET B 45 14.66 -21.82 -27.80
CA MET B 45 15.18 -20.85 -26.86
C MET B 45 16.61 -21.16 -26.42
N ASN B 46 17.29 -20.12 -25.95
CA ASN B 46 18.52 -20.27 -25.18
C ASN B 46 18.14 -20.40 -23.72
N VAL B 47 18.42 -21.56 -23.12
CA VAL B 47 18.03 -21.86 -21.75
C VAL B 47 19.28 -21.97 -20.90
N VAL B 48 19.22 -21.43 -19.69
CA VAL B 48 20.29 -21.54 -18.71
C VAL B 48 19.67 -22.20 -17.48
N ASP B 49 20.14 -23.41 -17.19
CA ASP B 49 19.70 -24.19 -16.04
C ASP B 49 20.82 -24.16 -15.01
N VAL B 50 20.64 -23.36 -13.96
CA VAL B 50 21.66 -23.18 -12.94
C VAL B 50 21.22 -23.93 -11.69
N GLY B 51 22.19 -24.59 -11.03
CA GLY B 51 21.84 -25.58 -10.03
C GLY B 51 21.17 -26.80 -10.64
N ALA B 52 21.51 -27.11 -11.89
CA ALA B 52 20.83 -28.17 -12.65
C ALA B 52 21.10 -29.56 -12.11
N GLY B 53 22.20 -29.74 -11.39
CA GLY B 53 22.57 -31.06 -10.91
C GLY B 53 22.75 -32.06 -12.04
N ILE B 54 22.10 -33.22 -11.90
CA ILE B 54 22.20 -34.28 -12.90
C ILE B 54 21.37 -34.00 -14.14
N GLY B 55 20.71 -32.85 -14.21
CA GLY B 55 20.09 -32.41 -15.44
C GLY B 55 18.72 -33.00 -15.71
N ARG B 56 17.93 -33.22 -14.66
CA ARG B 56 16.62 -33.81 -14.90
C ARG B 56 15.70 -32.86 -15.65
N PHE B 57 15.86 -31.55 -15.45
CA PHE B 57 15.15 -30.61 -16.31
C PHE B 57 15.91 -30.31 -17.59
N THR B 58 17.25 -30.40 -17.56
CA THR B 58 18.06 -30.15 -18.74
C THR B 58 17.72 -31.12 -19.87
N THR B 59 17.36 -32.36 -19.53
CA THR B 59 17.01 -33.33 -20.57
C THR B 59 15.80 -32.85 -21.36
N THR B 60 14.74 -32.46 -20.67
CA THR B 60 13.57 -31.94 -21.35
C THR B 60 13.89 -30.66 -22.12
N PHE B 61 14.69 -29.77 -21.51
CA PHE B 61 15.06 -28.54 -22.21
C PHE B 61 15.77 -28.86 -23.52
N ALA B 62 16.71 -29.80 -23.50
CA ALA B 62 17.54 -30.09 -24.67
C ALA B 62 16.72 -30.65 -25.82
N GLN B 63 15.60 -31.31 -25.52
CA GLN B 63 14.80 -31.90 -26.57
C GLN B 63 14.18 -30.85 -27.49
N ARG B 64 13.94 -29.65 -26.97
CA ARG B 64 13.26 -28.59 -27.71
C ARG B 64 14.05 -27.30 -27.85
N ALA B 65 14.84 -26.94 -26.85
CA ALA B 65 15.54 -25.66 -26.88
C ALA B 65 16.57 -25.61 -28.01
N LYS B 66 16.94 -24.39 -28.40
CA LYS B 66 18.07 -24.22 -29.29
C LYS B 66 19.37 -24.59 -28.60
N HIS B 67 19.51 -24.19 -27.34
CA HIS B 67 20.74 -24.42 -26.61
C HIS B 67 20.45 -24.38 -25.13
N VAL B 68 21.17 -25.20 -24.37
CA VAL B 68 21.03 -25.25 -22.92
C VAL B 68 22.42 -25.09 -22.30
N VAL B 69 22.56 -24.13 -21.40
CA VAL B 69 23.66 -24.12 -20.45
C VAL B 69 23.17 -24.86 -19.22
N SER B 70 23.89 -25.92 -18.85
CA SER B 70 23.55 -26.70 -17.68
C SER B 70 24.72 -26.63 -16.72
N SER B 71 24.49 -26.12 -15.51
CA SER B 71 25.54 -25.72 -14.61
C SER B 71 25.20 -26.10 -13.17
N ASP B 72 26.22 -26.51 -12.43
CA ASP B 72 26.11 -26.89 -11.03
C ASP B 72 27.50 -26.77 -10.41
N PHE B 73 27.56 -26.56 -9.11
CA PHE B 73 28.89 -26.44 -8.51
C PHE B 73 29.42 -27.77 -7.97
N ILE B 74 28.72 -28.88 -8.21
CA ILE B 74 29.23 -30.20 -7.85
C ILE B 74 29.63 -30.91 -9.14
N ASP B 75 30.94 -31.15 -9.29
CA ASP B 75 31.47 -31.79 -10.49
C ASP B 75 30.81 -33.13 -10.77
N SER B 76 30.61 -33.94 -9.72
CA SER B 76 30.06 -35.27 -9.91
C SER B 76 28.64 -35.22 -10.46
N PHE B 77 27.87 -34.18 -10.13
CA PHE B 77 26.52 -34.09 -10.68
C PHE B 77 26.55 -33.74 -12.16
N ILE B 78 27.47 -32.86 -12.56
CA ILE B 78 27.62 -32.49 -13.96
C ILE B 78 28.09 -33.68 -14.79
N GLU B 79 28.99 -34.50 -14.23
CA GLU B 79 29.44 -35.68 -14.97
C GLU B 79 28.29 -36.65 -15.21
N LYS B 80 27.45 -36.87 -14.21
CA LYS B 80 26.23 -37.65 -14.40
C LYS B 80 25.29 -36.97 -15.39
N ASN B 81 25.20 -35.64 -15.33
CA ASN B 81 24.40 -34.87 -16.29
C ASN B 81 24.85 -35.16 -17.72
N LYS B 82 26.16 -35.08 -17.98
CA LYS B 82 26.69 -35.35 -19.30
C LYS B 82 26.45 -36.79 -19.73
N GLU B 83 26.56 -37.74 -18.79
CA GLU B 83 26.33 -39.14 -19.13
C GLU B 83 24.86 -39.37 -19.54
N ARG B 84 23.93 -38.81 -18.78
CA ARG B 84 22.52 -38.95 -19.10
C ARG B 84 22.21 -38.34 -20.46
N ASN B 85 22.79 -37.18 -20.76
CA ASN B 85 22.42 -36.40 -21.94
C ASN B 85 23.45 -36.47 -23.06
N ALA B 86 24.21 -37.57 -23.13
CA ALA B 86 25.24 -37.70 -24.17
C ALA B 86 24.66 -37.72 -25.58
N ALA B 87 23.36 -38.03 -25.73
CA ALA B 87 22.77 -38.05 -27.07
C ALA B 87 22.62 -36.65 -27.64
N PHE B 88 22.45 -35.63 -26.80
CA PHE B 88 22.26 -34.27 -27.28
C PHE B 88 23.59 -33.61 -27.61
N GLU B 89 23.57 -32.76 -28.62
CA GLU B 89 24.72 -31.97 -29.02
C GLU B 89 24.52 -30.49 -28.72
N ASN B 90 23.42 -30.12 -28.08
CA ASN B 90 23.07 -28.72 -27.88
C ASN B 90 23.16 -28.29 -26.41
N ILE B 91 23.95 -28.98 -25.60
CA ILE B 91 24.13 -28.64 -24.19
C ILE B 91 25.59 -28.29 -23.96
N THR B 92 25.83 -27.16 -23.31
CA THR B 92 27.13 -26.84 -22.75
C THR B 92 27.07 -26.98 -21.24
N TYR B 93 28.13 -27.53 -20.66
CA TYR B 93 28.17 -27.82 -19.24
C TYR B 93 29.22 -26.94 -18.57
N GLN B 94 28.88 -26.40 -17.40
CA GLN B 94 29.85 -25.66 -16.60
C GLN B 94 29.74 -26.11 -15.16
N VAL B 95 30.88 -26.48 -14.58
CA VAL B 95 30.96 -26.69 -13.14
C VAL B 95 31.36 -25.36 -12.53
N SER B 96 30.46 -24.75 -11.78
CA SER B 96 30.67 -23.41 -11.26
C SER B 96 29.60 -23.12 -10.22
N ASP B 97 29.94 -22.26 -9.27
CA ASP B 97 28.93 -21.69 -8.40
C ASP B 97 28.00 -20.81 -9.22
N ALA B 98 26.73 -20.75 -8.80
CA ALA B 98 25.72 -19.95 -9.48
C ALA B 98 26.16 -18.50 -9.65
N LEU B 99 26.76 -17.93 -8.60
CA LEU B 99 27.26 -16.56 -8.66
C LEU B 99 28.54 -16.45 -9.46
N GLY B 100 29.22 -17.55 -9.74
CA GLY B 100 30.44 -17.49 -10.53
C GLY B 100 30.20 -17.70 -12.00
N LEU B 101 29.06 -18.29 -12.36
CA LEU B 101 28.83 -18.72 -13.73
C LEU B 101 28.84 -17.52 -14.68
N GLN B 102 29.30 -17.76 -15.91
CA GLN B 102 29.46 -16.70 -16.90
C GLN B 102 28.56 -17.00 -18.10
N VAL B 103 27.54 -16.16 -18.28
CA VAL B 103 26.70 -16.13 -19.46
C VAL B 103 26.84 -14.74 -20.07
N ASP B 104 26.76 -14.67 -21.40
CA ASP B 104 26.82 -13.39 -22.07
C ASP B 104 25.64 -12.52 -21.63
N PRO B 105 25.83 -11.21 -21.50
CA PRO B 105 24.69 -10.34 -21.15
C PRO B 105 23.67 -10.36 -22.26
N GLN B 106 22.39 -10.30 -21.87
CA GLN B 106 21.29 -10.12 -22.81
C GLN B 106 21.31 -11.24 -23.86
N SER B 107 21.45 -12.46 -23.40
CA SER B 107 21.64 -13.61 -24.28
C SER B 107 20.63 -14.72 -24.07
N THR B 108 19.91 -14.72 -22.96
CA THR B 108 19.16 -15.88 -22.52
C THR B 108 17.66 -15.62 -22.61
N ASP B 109 16.92 -16.60 -23.14
CA ASP B 109 15.48 -16.50 -23.17
C ASP B 109 14.83 -17.00 -21.89
N LEU B 110 15.45 -17.97 -21.22
CA LEU B 110 14.95 -18.48 -19.95
C LEU B 110 16.12 -18.82 -19.03
N VAL B 111 16.15 -18.22 -17.85
CA VAL B 111 16.99 -18.68 -16.76
C VAL B 111 16.10 -19.52 -15.87
N PHE B 112 16.44 -20.80 -15.71
CA PHE B 112 15.63 -21.75 -14.96
C PHE B 112 16.37 -22.16 -13.69
N THR B 113 15.69 -22.02 -12.56
CA THR B 113 16.19 -22.55 -11.29
C THR B 113 15.06 -23.35 -10.65
N ASN B 114 15.46 -24.28 -9.79
CA ASN B 114 14.50 -25.13 -9.09
C ASN B 114 15.21 -25.62 -7.84
N TRP B 115 14.89 -24.99 -6.70
CA TRP B 115 15.58 -25.17 -5.42
C TRP B 115 16.99 -24.59 -5.47
N LEU B 116 17.11 -23.27 -5.40
CA LEU B 116 18.44 -22.68 -5.41
C LEU B 116 18.60 -21.57 -4.38
N LEU B 117 17.66 -20.62 -4.35
CA LEU B 117 17.79 -19.49 -3.43
C LEU B 117 17.81 -19.94 -1.98
N MET B 118 17.17 -21.07 -1.67
CA MET B 118 17.23 -21.61 -0.31
C MET B 118 18.66 -21.98 0.09
N TYR B 119 19.56 -22.11 -0.87
CA TYR B 119 20.96 -22.40 -0.59
C TYR B 119 21.85 -21.18 -0.74
N LEU B 120 21.28 -19.98 -0.67
CA LEU B 120 22.05 -18.74 -0.78
C LEU B 120 21.70 -17.82 0.38
N ASN B 121 22.68 -17.10 0.91
CA ASN B 121 22.36 -16.06 1.87
C ASN B 121 21.67 -14.90 1.15
N GLU B 122 21.18 -13.94 1.96
CA GLU B 122 20.38 -12.85 1.41
C GLU B 122 21.18 -12.05 0.39
N GLN B 123 22.42 -11.72 0.72
CA GLN B 123 23.29 -11.00 -0.22
C GLN B 123 23.50 -11.82 -1.49
N GLU B 124 23.66 -13.14 -1.35
CA GLU B 124 23.82 -13.99 -2.53
C GLU B 124 22.52 -14.08 -3.33
N CYS B 125 21.39 -14.11 -2.64
CA CYS B 125 20.10 -14.09 -3.33
C CYS B 125 19.97 -12.89 -4.23
N VAL B 126 20.22 -11.69 -3.68
CA VAL B 126 20.05 -10.45 -4.44
C VAL B 126 21.03 -10.41 -5.61
N ARG B 127 22.31 -10.67 -5.33
CA ARG B 127 23.32 -10.62 -6.38
C ARG B 127 23.01 -11.61 -7.49
N PHE B 128 22.58 -12.82 -7.14
CA PHE B 128 22.25 -13.78 -8.20
C PHE B 128 21.07 -13.28 -9.04
N LEU B 129 20.02 -12.75 -8.39
CA LEU B 129 18.88 -12.27 -9.16
C LEU B 129 19.30 -11.12 -10.09
N MET B 130 20.21 -10.26 -9.62
CA MET B 130 20.75 -9.20 -10.48
C MET B 130 21.47 -9.79 -11.68
N LYS B 131 22.17 -10.91 -11.49
CA LYS B 131 22.87 -11.52 -12.61
C LYS B 131 21.90 -12.05 -13.66
N THR B 132 20.78 -12.64 -13.21
CA THR B 132 19.80 -13.11 -14.18
C THR B 132 19.26 -11.95 -15.02
N MET B 133 19.12 -10.77 -14.42
CA MET B 133 18.70 -9.60 -15.19
C MET B 133 19.70 -9.29 -16.28
N GLU B 134 20.99 -9.39 -15.96
CA GLU B 134 22.04 -9.17 -16.97
C GLU B 134 21.96 -10.22 -18.07
N TRP B 135 21.71 -11.47 -17.70
CA TRP B 135 21.74 -12.57 -18.66
C TRP B 135 20.55 -12.52 -19.62
N LEU B 136 19.39 -12.10 -19.14
CA LEU B 136 18.16 -12.26 -19.90
C LEU B 136 18.03 -11.21 -21.00
N LYS B 137 17.50 -11.64 -22.16
CA LYS B 137 17.00 -10.69 -23.13
C LYS B 137 15.83 -9.92 -22.52
N PRO B 138 15.56 -8.72 -23.02
CA PRO B 138 14.28 -8.07 -22.68
C PRO B 138 13.11 -9.00 -23.01
N GLY B 139 12.21 -9.17 -22.05
CA GLY B 139 11.12 -10.10 -22.22
C GLY B 139 11.45 -11.55 -21.97
N GLY B 140 12.67 -11.84 -21.51
CA GLY B 140 13.03 -13.20 -21.15
C GLY B 140 12.47 -13.58 -19.78
N TYR B 141 12.54 -14.88 -19.49
CA TYR B 141 11.85 -15.49 -18.35
C TYR B 141 12.82 -15.91 -17.26
N LEU B 142 12.40 -15.73 -16.01
CA LEU B 142 13.07 -16.27 -14.84
C LEU B 142 12.10 -17.23 -14.14
N HIS B 143 12.53 -18.47 -13.92
CA HIS B 143 11.76 -19.41 -13.11
C HIS B 143 12.49 -19.69 -11.80
N VAL B 144 11.76 -19.57 -10.70
CA VAL B 144 12.29 -19.79 -9.36
C VAL B 144 11.32 -20.72 -8.64
N ARG B 145 11.87 -21.71 -7.96
CA ARG B 145 11.07 -22.58 -7.11
C ARG B 145 11.84 -22.84 -5.82
N GLU B 146 11.18 -22.70 -4.67
CA GLU B 146 11.87 -22.83 -3.40
C GLU B 146 10.98 -23.51 -2.37
N SER B 147 11.62 -24.23 -1.45
CA SER B 147 10.97 -24.71 -0.23
C SER B 147 10.76 -23.54 0.72
N CYS B 148 9.50 -23.15 0.91
CA CYS B 148 9.16 -22.03 1.78
C CYS B 148 8.72 -22.55 3.15
N THR B 149 9.21 -21.86 4.17
CA THR B 149 8.88 -22.03 5.59
C THR B 149 9.44 -23.34 6.17
N GLU B 150 9.43 -24.43 5.42
CA GLU B 150 9.85 -25.72 5.97
C GLU B 150 10.41 -26.57 4.82
N PRO B 151 11.09 -27.67 5.16
CA PRO B 151 11.59 -28.56 4.09
C PRO B 151 10.47 -29.17 3.26
N SER B 152 10.82 -29.48 2.01
CA SER B 152 9.86 -30.07 1.08
C SER B 152 9.18 -31.31 1.67
N THR B 153 9.93 -32.13 2.40
CA THR B 153 9.36 -33.32 3.02
C THR B 153 8.43 -32.98 4.17
N GLY B 154 8.28 -31.71 4.52
CA GLY B 154 7.34 -31.30 5.54
C GLY B 154 7.73 -31.74 6.93
N LYS B 155 6.83 -31.45 7.87
CA LYS B 155 7.11 -31.74 9.27
C LYS B 155 7.20 -33.24 9.53
N SER B 156 6.47 -34.06 8.76
CA SER B 156 6.58 -35.50 8.88
C SER B 156 8.02 -35.96 8.66
N LYS B 157 8.72 -35.31 7.74
CA LYS B 157 10.09 -35.65 7.34
C LYS B 157 10.19 -37.05 6.76
N THR B 158 9.06 -37.64 6.36
CA THR B 158 9.05 -38.96 5.73
C THR B 158 9.88 -38.94 4.46
N GLY B 159 10.93 -39.76 4.44
CA GLY B 159 11.81 -39.85 3.30
C GLY B 159 12.91 -38.80 3.22
N SER B 160 12.98 -37.87 4.17
CA SER B 160 13.94 -36.78 4.02
C SER B 160 15.37 -37.30 4.14
N MET B 161 16.25 -36.77 3.28
CA MET B 161 17.66 -37.11 3.34
C MET B 161 18.44 -36.20 4.28
N HIS B 162 17.76 -35.31 5.01
CA HIS B 162 18.41 -34.49 6.02
C HIS B 162 18.70 -35.35 7.24
N SER B 163 19.97 -35.44 7.62
CA SER B 163 20.30 -36.12 8.86
C SER B 163 19.82 -35.28 10.04
N ASP B 164 19.25 -35.95 11.03
CA ASP B 164 18.84 -35.25 12.24
C ASP B 164 20.02 -35.04 13.20
N LYS B 165 21.13 -35.73 12.97
CA LYS B 165 22.34 -35.59 13.76
C LYS B 165 23.20 -34.40 13.34
N LYS B 166 22.88 -33.75 12.22
CA LYS B 166 23.65 -32.63 11.72
C LYS B 166 22.72 -31.45 11.45
N ALA B 167 23.27 -30.25 11.61
CA ALA B 167 22.49 -29.05 11.36
C ALA B 167 22.15 -28.91 9.89
N ASN B 168 20.92 -28.45 9.60
CA ASN B 168 20.50 -28.18 8.24
C ASN B 168 20.76 -26.71 7.92
N PRO B 169 21.71 -26.39 7.03
CA PRO B 169 22.01 -24.98 6.76
C PRO B 169 21.01 -24.30 5.82
N THR B 170 20.00 -25.03 5.35
CA THR B 170 19.08 -24.49 4.35
C THR B 170 18.24 -23.34 4.90
N HIS B 171 18.03 -22.31 4.08
CA HIS B 171 17.11 -21.23 4.40
C HIS B 171 15.71 -21.60 3.89
N TYR B 172 14.75 -21.67 4.80
CA TYR B 172 13.34 -21.88 4.44
C TYR B 172 12.60 -20.55 4.69
N ARG B 173 12.67 -19.66 3.71
CA ARG B 173 12.08 -18.33 3.85
C ARG B 173 10.59 -18.35 3.51
N TYR B 174 9.89 -17.26 3.82
CA TYR B 174 8.47 -17.16 3.51
C TYR B 174 8.26 -16.96 2.01
N SER B 175 7.18 -17.53 1.49
CA SER B 175 6.83 -17.29 0.09
C SER B 175 6.59 -15.82 -0.19
N SER B 176 6.00 -15.09 0.78
CA SER B 176 5.77 -13.66 0.58
C SER B 176 7.09 -12.87 0.55
N VAL B 177 8.14 -13.38 1.20
CA VAL B 177 9.43 -12.70 1.18
C VAL B 177 10.07 -12.82 -0.21
N TYR B 178 10.11 -14.04 -0.75
CA TYR B 178 10.58 -14.25 -2.12
C TYR B 178 9.75 -13.45 -3.12
N LEU B 179 8.42 -13.52 -2.99
CA LEU B 179 7.52 -12.80 -3.88
C LEU B 179 7.82 -11.29 -3.86
N GLN B 180 7.86 -10.69 -2.68
CA GLN B 180 8.17 -9.27 -2.62
C GLN B 180 9.57 -8.97 -3.12
N LEU B 181 10.54 -9.85 -2.85
CA LEU B 181 11.89 -9.64 -3.40
C LEU B 181 11.85 -9.59 -4.92
N LEU B 182 11.13 -10.54 -5.55
CA LEU B 182 11.03 -10.58 -7.00
C LEU B 182 10.27 -9.37 -7.54
N LYS B 183 9.28 -8.86 -6.80
CA LYS B 183 8.50 -7.73 -7.29
C LYS B 183 9.25 -6.42 -7.19
N GLU B 184 9.96 -6.21 -6.09
CA GLU B 184 10.54 -4.92 -5.78
C GLU B 184 11.93 -4.75 -6.38
N LEU B 185 12.57 -5.84 -6.79
CA LEU B 185 13.90 -5.76 -7.39
C LEU B 185 13.89 -4.81 -8.57
N ARG B 186 14.94 -3.99 -8.64
CA ARG B 186 15.20 -3.12 -9.79
C ARG B 186 16.66 -3.26 -10.17
N TRP B 187 16.94 -3.25 -11.48
CA TRP B 187 18.30 -3.40 -11.98
C TRP B 187 18.47 -2.53 -13.21
N THR B 188 19.63 -1.86 -13.30
CA THR B 188 19.91 -0.94 -14.39
C THR B 188 21.02 -1.51 -15.26
N ASP B 189 20.84 -1.42 -16.58
CA ASP B 189 21.82 -1.89 -17.54
C ASP B 189 22.77 -0.76 -17.92
N ALA B 190 23.76 -1.07 -18.75
CA ALA B 190 24.81 -0.10 -19.06
C ALA B 190 24.25 1.12 -19.77
N ARG B 191 23.24 0.93 -20.61
CA ARG B 191 22.65 2.05 -21.36
C ARG B 191 21.84 2.99 -20.48
N GLY B 192 21.68 2.70 -19.19
CA GLY B 192 20.86 3.53 -18.32
C GLY B 192 19.40 3.13 -18.22
N MET B 193 18.99 2.03 -18.84
CA MET B 193 17.61 1.60 -18.79
C MET B 193 17.38 0.72 -17.57
N GLN B 194 16.35 1.02 -16.80
CA GLN B 194 16.02 0.22 -15.62
C GLN B 194 14.99 -0.85 -15.97
N TRP B 195 15.09 -1.97 -15.25
CA TRP B 195 14.26 -3.13 -15.50
C TRP B 195 13.73 -3.66 -14.18
N ARG B 196 12.63 -4.41 -14.27
CA ARG B 196 12.03 -5.10 -13.15
C ARG B 196 11.51 -6.44 -13.65
N PHE B 197 11.19 -7.33 -12.72
CA PHE B 197 10.54 -8.58 -13.06
C PHE B 197 9.04 -8.37 -12.96
N ASN B 198 8.33 -8.64 -14.05
CA ASN B 198 6.88 -8.78 -13.98
C ASN B 198 6.60 -10.19 -13.49
N VAL B 199 6.18 -10.32 -12.23
CA VAL B 199 5.93 -11.63 -11.64
C VAL B 199 4.57 -12.11 -12.12
N LEU B 200 4.57 -13.13 -12.98
CA LEU B 200 3.34 -13.58 -13.62
C LEU B 200 2.40 -14.27 -12.64
N TRP B 201 2.96 -14.98 -11.65
CA TRP B 201 2.15 -15.68 -10.66
C TRP B 201 3.08 -16.29 -9.62
N ALA B 202 2.47 -16.69 -8.50
CA ALA B 202 3.06 -17.64 -7.57
C ALA B 202 2.07 -18.79 -7.40
N LYS B 203 2.57 -20.01 -7.45
CA LYS B 203 1.76 -21.21 -7.34
C LYS B 203 2.48 -22.25 -6.50
N SER B 204 1.70 -23.13 -5.90
CA SER B 204 2.22 -24.32 -5.22
C SER B 204 2.32 -25.49 -6.18
N VAL B 205 3.43 -26.23 -6.10
CA VAL B 205 3.65 -27.41 -6.93
C VAL B 205 2.61 -28.47 -6.58
N PRO B 206 1.73 -28.84 -7.50
CA PRO B 206 0.62 -29.74 -7.16
C PRO B 206 1.04 -31.11 -6.66
N THR B 207 2.11 -31.68 -7.20
CA THR B 207 2.60 -32.97 -6.71
C THR B 207 2.82 -32.94 -5.20
N TYR B 208 3.41 -31.87 -4.69
CA TYR B 208 3.67 -31.83 -3.26
C TYR B 208 2.39 -31.58 -2.47
N VAL B 209 1.43 -30.86 -3.04
CA VAL B 209 0.12 -30.77 -2.42
C VAL B 209 -0.53 -32.15 -2.35
N GLU B 210 -0.51 -32.87 -3.47
CA GLU B 210 -1.28 -34.09 -3.58
C GLU B 210 -0.70 -35.22 -2.74
N ARG B 211 0.63 -35.36 -2.75
CA ARG B 211 1.28 -36.54 -2.19
C ARG B 211 2.03 -36.28 -0.91
N VAL B 212 2.23 -35.01 -0.54
CA VAL B 212 2.95 -34.64 0.66
C VAL B 212 2.12 -33.73 1.56
N LEU B 213 0.94 -33.30 1.10
CA LEU B 213 0.11 -32.35 1.84
C LEU B 213 0.90 -31.11 2.21
N ASN B 214 1.80 -30.72 1.31
CA ASN B 214 2.68 -29.58 1.51
C ASN B 214 2.36 -28.55 0.42
N TRP B 215 1.77 -27.43 0.82
CA TRP B 215 1.42 -26.34 -0.09
C TRP B 215 2.55 -25.32 -0.24
N ARG B 216 3.70 -25.54 0.40
CA ARG B 216 4.74 -24.53 0.51
C ARG B 216 5.92 -24.79 -0.41
N GLN B 217 5.73 -25.60 -1.44
CA GLN B 217 6.66 -25.68 -2.56
C GLN B 217 6.18 -24.66 -3.59
N VAL B 218 6.60 -23.42 -3.40
CA VAL B 218 6.07 -22.32 -4.19
C VAL B 218 7.00 -22.07 -5.36
N HIS B 219 6.44 -21.76 -6.53
CA HIS B 219 7.29 -21.34 -7.63
C HIS B 219 6.70 -20.12 -8.33
N TRP B 220 7.58 -19.41 -9.03
CA TRP B 220 7.27 -18.15 -9.66
C TRP B 220 7.84 -18.15 -11.07
N LEU B 221 7.11 -17.49 -11.97
CA LEU B 221 7.58 -17.23 -13.32
C LEU B 221 7.59 -15.72 -13.51
N CYS B 222 8.71 -15.18 -13.97
CA CYS B 222 8.93 -13.74 -14.04
C CYS B 222 9.40 -13.37 -15.44
N VAL B 223 9.03 -12.17 -15.88
CA VAL B 223 9.42 -11.63 -17.19
C VAL B 223 10.17 -10.33 -16.96
N LYS B 224 11.31 -10.18 -17.65
CA LYS B 224 12.11 -8.96 -17.55
C LYS B 224 11.44 -7.88 -18.40
N VAL B 225 10.98 -6.81 -17.75
CA VAL B 225 10.22 -5.76 -18.43
C VAL B 225 10.84 -4.41 -18.06
N PRO B 226 10.62 -3.39 -18.91
CA PRO B 226 11.11 -2.05 -18.55
C PRO B 226 10.45 -1.56 -17.27
N ALA B 227 11.26 -0.97 -16.39
CA ALA B 227 10.81 -0.47 -15.12
C ALA B 227 10.74 1.05 -15.19
N GLN B 228 9.66 1.58 -14.66
CA GLN B 228 9.35 3.01 -14.72
C GLN B 228 9.76 3.64 -13.39
N ASP B 229 8.87 3.56 -12.42
CA ASP B 229 9.15 3.93 -11.05
C ASP B 229 10.23 3.02 -10.44
N GLY B 230 10.57 3.33 -9.19
CA GLY B 230 11.55 2.57 -8.46
C GLY B 230 11.02 1.22 -8.03
N GLY B 231 10.70 1.08 -6.76
CA GLY B 231 10.83 -0.20 -6.08
C GLY B 231 11.99 -0.11 -5.10
N ILE B 232 12.90 -1.08 -5.16
CA ILE B 232 14.14 -1.00 -4.39
C ILE B 232 15.31 -1.36 -5.30
N SER B 233 16.22 -0.41 -5.48
CA SER B 233 17.39 -0.58 -6.33
C SER B 233 18.64 -0.99 -5.56
N ASN B 234 18.89 -0.35 -4.40
CA ASN B 234 20.10 -0.63 -3.66
C ASN B 234 20.04 -2.01 -2.99
N GLU B 235 21.19 -2.70 -3.01
CA GLU B 235 21.20 -4.10 -2.62
C GLU B 235 21.07 -4.29 -1.10
N LYS B 236 21.69 -3.41 -0.31
CA LYS B 236 21.56 -3.63 1.13
C LYS B 236 20.18 -3.19 1.62
N ALA B 237 19.52 -2.30 0.88
CA ALA B 237 18.12 -1.99 1.17
C ALA B 237 17.24 -3.19 0.87
N LEU B 238 17.50 -3.90 -0.25
CA LEU B 238 16.79 -5.14 -0.55
C LEU B 238 17.04 -6.20 0.52
N ILE B 239 18.32 -6.37 0.90
CA ILE B 239 18.67 -7.34 1.95
C ILE B 239 17.93 -7.02 3.24
N SER B 240 17.91 -5.74 3.62
CA SER B 240 17.20 -5.34 4.84
C SER B 240 15.71 -5.49 4.68
N ALA B 241 15.18 -5.29 3.47
CA ALA B 241 13.75 -5.44 3.24
C ALA B 241 13.30 -6.88 3.48
N MET B 242 14.16 -7.85 3.18
CA MET B 242 13.76 -9.25 3.38
C MET B 242 13.42 -9.53 4.84
N GLY B 243 14.23 -9.02 5.78
CA GLY B 243 13.92 -9.18 7.18
C GLY B 243 12.66 -8.44 7.60
N ARG B 244 12.47 -7.23 7.08
CA ARG B 244 11.28 -6.46 7.44
C ARG B 244 10.02 -7.14 6.90
N TRP B 245 10.08 -7.72 5.70
CA TRP B 245 8.94 -8.46 5.16
C TRP B 245 8.58 -9.67 6.02
N LYS B 246 9.60 -10.35 6.57
CA LYS B 246 9.29 -11.46 7.47
C LYS B 246 8.57 -10.97 8.72
N ILE B 247 9.06 -9.87 9.30
CA ILE B 247 8.40 -9.29 10.48
C ILE B 247 6.96 -8.92 10.16
N ILE B 248 6.74 -8.25 9.02
CA ILE B 248 5.37 -7.83 8.68
C ILE B 248 4.50 -9.06 8.48
N GLN B 249 5.02 -10.09 7.83
CA GLN B 249 4.23 -11.30 7.66
C GLN B 249 3.84 -11.91 9.01
N ASP B 250 4.80 -11.96 9.95
CA ASP B 250 4.50 -12.51 11.28
C ASP B 250 3.36 -11.76 11.95
N HIS B 251 3.30 -10.43 11.82
CA HIS B 251 2.22 -9.71 12.47
C HIS B 251 0.91 -9.89 11.74
N THR B 252 0.96 -10.14 10.41
CA THR B 252 -0.21 -10.54 9.67
C THR B 252 -0.76 -11.86 10.18
N GLU B 253 0.11 -12.84 10.44
CA GLU B 253 -0.35 -14.09 11.03
C GLU B 253 -0.95 -13.83 12.41
N TYR B 254 -0.25 -13.03 13.22
CA TYR B 254 -0.76 -12.71 14.55
C TYR B 254 -2.14 -12.07 14.49
N LEU B 255 -2.40 -11.28 13.45
CA LEU B 255 -3.66 -10.56 13.33
C LEU B 255 -4.78 -11.44 12.79
N LEU B 256 -4.47 -12.30 11.82
CA LEU B 256 -5.48 -13.05 11.08
C LEU B 256 -5.73 -14.46 11.59
N ASN B 257 -4.82 -15.03 12.39
CA ASN B 257 -4.95 -16.43 12.77
C ASN B 257 -6.21 -16.67 13.60
N GLY B 258 -7.08 -17.55 13.12
CA GLY B 258 -8.28 -17.91 13.83
C GLY B 258 -9.49 -17.04 13.57
N LYS B 259 -9.37 -16.03 12.71
CA LYS B 259 -10.45 -15.08 12.48
C LYS B 259 -11.25 -15.53 11.27
N THR B 260 -12.55 -15.71 11.45
CA THR B 260 -13.40 -16.12 10.35
C THR B 260 -13.81 -14.90 9.53
N SER B 261 -13.89 -15.09 8.21
CA SER B 261 -14.34 -14.02 7.33
C SER B 261 -15.70 -13.50 7.77
N TRP B 262 -15.85 -12.18 7.69
CA TRP B 262 -17.15 -11.57 7.93
C TRP B 262 -18.14 -11.88 6.83
N ALA B 263 -17.67 -12.33 5.67
CA ALA B 263 -18.53 -12.66 4.55
C ALA B 263 -18.98 -14.12 4.56
N THR B 264 -18.66 -14.88 5.60
CA THR B 264 -18.80 -16.34 5.55
C THR B 264 -20.28 -16.75 5.54
N ASP B 265 -21.11 -16.08 6.32
CA ASP B 265 -22.53 -16.41 6.35
C ASP B 265 -23.17 -16.19 4.99
N VAL B 266 -22.84 -15.08 4.33
CA VAL B 266 -23.40 -14.78 3.02
C VAL B 266 -22.91 -15.79 1.98
N ILE B 267 -21.62 -16.15 2.03
CA ILE B 267 -21.12 -17.07 1.03
C ILE B 267 -21.72 -18.45 1.24
N ASN B 268 -21.98 -18.83 2.50
CA ASN B 268 -22.59 -20.12 2.78
C ASN B 268 -24.00 -20.20 2.19
N ASN B 269 -24.77 -19.13 2.35
CA ASN B 269 -26.07 -19.05 1.70
C ASN B 269 -25.97 -19.26 0.19
N VAL B 270 -25.00 -18.61 -0.45
CA VAL B 270 -24.88 -18.67 -1.91
C VAL B 270 -24.56 -20.07 -2.39
N ILE B 271 -23.49 -20.67 -1.86
CA ILE B 271 -22.98 -21.91 -2.43
C ILE B 271 -23.90 -23.08 -2.15
N SER B 272 -24.88 -22.90 -1.26
CA SER B 272 -25.78 -23.96 -0.85
C SER B 272 -26.98 -24.12 -1.79
N LYS B 273 -27.17 -23.20 -2.74
CA LYS B 273 -28.39 -23.17 -3.52
C LYS B 273 -28.34 -24.19 -4.67
N VAL B 274 -29.54 -24.57 -5.14
CA VAL B 274 -29.67 -25.74 -6.00
C VAL B 274 -29.07 -25.53 -7.38
N ASP B 275 -28.94 -24.28 -7.84
CA ASP B 275 -28.42 -23.99 -9.17
C ASP B 275 -27.11 -23.20 -9.10
N PHE B 276 -26.39 -23.31 -7.98
CA PHE B 276 -25.17 -22.56 -7.80
C PHE B 276 -24.14 -22.88 -8.89
N ALA B 277 -23.94 -24.16 -9.17
CA ALA B 277 -22.93 -24.56 -10.16
C ALA B 277 -23.27 -25.98 -10.63
N ASN B 278 -24.10 -26.07 -11.67
CA ASN B 278 -24.60 -27.34 -12.17
C ASN B 278 -23.63 -27.93 -13.20
N ASN B 279 -22.42 -28.19 -12.71
CA ASN B 279 -21.36 -28.79 -13.50
C ASN B 279 -20.40 -29.45 -12.52
N ASN B 280 -19.28 -29.97 -13.02
CA ASN B 280 -18.26 -30.53 -12.15
C ASN B 280 -16.89 -29.89 -12.41
N LEU B 281 -16.89 -28.64 -12.84
CA LEU B 281 -15.66 -27.89 -13.02
C LEU B 281 -15.17 -27.33 -11.68
N PRO B 282 -13.89 -26.98 -11.59
CA PRO B 282 -13.43 -26.28 -10.39
C PRO B 282 -14.06 -24.89 -10.28
N LEU B 283 -14.14 -24.40 -9.05
CA LEU B 283 -14.64 -23.07 -8.76
C LEU B 283 -13.50 -22.07 -8.73
N TYR B 284 -13.76 -20.85 -9.23
CA TYR B 284 -12.79 -19.76 -9.21
C TYR B 284 -13.12 -18.81 -8.07
N VAL B 285 -12.13 -18.53 -7.22
CA VAL B 285 -12.30 -17.65 -6.06
C VAL B 285 -11.33 -16.50 -6.16
N TYR B 286 -11.80 -15.28 -5.86
CA TYR B 286 -10.99 -14.06 -5.94
C TYR B 286 -11.19 -13.26 -4.66
N SER B 287 -10.11 -12.98 -3.95
CA SER B 287 -10.15 -12.33 -2.63
C SER B 287 -9.03 -11.32 -2.48
N PRO B 288 -9.25 -10.07 -2.92
CA PRO B 288 -8.20 -9.05 -2.83
C PRO B 288 -8.06 -8.35 -1.47
N ARG B 289 -9.13 -8.30 -0.67
CA ARG B 289 -9.12 -7.66 0.65
C ARG B 289 -8.73 -6.17 0.53
N VAL B 290 -9.53 -5.43 -0.23
CA VAL B 290 -9.25 -4.00 -0.39
C VAL B 290 -9.64 -3.22 0.85
N VAL B 291 -10.91 -3.31 1.27
CA VAL B 291 -11.34 -2.44 2.36
C VAL B 291 -11.05 -3.01 3.74
N SER B 292 -10.88 -4.32 3.86
CA SER B 292 -10.73 -4.94 5.17
C SER B 292 -9.98 -6.26 5.10
N PRO B 293 -8.97 -6.47 5.95
CA PRO B 293 -8.30 -7.78 5.98
C PRO B 293 -9.23 -8.93 6.37
N PHE B 294 -10.41 -8.64 6.91
CA PHE B 294 -11.31 -9.65 7.46
C PHE B 294 -12.48 -9.97 6.54
N VAL B 295 -12.54 -9.36 5.37
CA VAL B 295 -13.56 -9.70 4.38
C VAL B 295 -12.85 -10.41 3.25
N PHE B 296 -12.98 -11.74 3.22
CA PHE B 296 -12.29 -12.57 2.25
C PHE B 296 -13.15 -13.80 1.99
N VAL B 297 -12.77 -14.57 0.98
CA VAL B 297 -13.51 -15.77 0.64
C VAL B 297 -12.84 -16.96 1.34
N ASP B 298 -13.60 -17.64 2.19
CA ASP B 298 -13.13 -18.83 2.89
C ASP B 298 -13.25 -20.05 1.97
N SER B 299 -12.19 -20.31 1.20
CA SER B 299 -12.24 -21.39 0.21
C SER B 299 -12.43 -22.76 0.84
N HIS B 300 -11.85 -22.98 2.02
CA HIS B 300 -11.96 -24.29 2.66
C HIS B 300 -13.39 -24.59 3.06
N ASN B 301 -14.12 -23.57 3.47
CA ASN B 301 -15.56 -23.70 3.73
C ASN B 301 -16.31 -24.04 2.45
N ILE B 302 -15.92 -23.42 1.33
CA ILE B 302 -16.60 -23.70 0.05
C ILE B 302 -16.41 -25.16 -0.33
N ALA B 303 -15.17 -25.65 -0.28
CA ALA B 303 -14.90 -27.04 -0.67
C ALA B 303 -15.61 -28.02 0.25
N ALA B 304 -15.58 -27.75 1.56
CA ALA B 304 -16.25 -28.63 2.50
C ALA B 304 -17.75 -28.70 2.25
N MET B 305 -18.38 -27.56 1.95
CA MET B 305 -19.83 -27.52 1.79
C MET B 305 -20.30 -28.02 0.44
N THR B 306 -19.48 -27.97 -0.60
CA THR B 306 -19.94 -28.33 -1.93
C THR B 306 -19.24 -29.53 -2.55
N GLY B 307 -18.12 -29.97 -2.00
CA GLY B 307 -17.33 -31.01 -2.66
C GLY B 307 -16.58 -30.55 -3.88
N LEU B 308 -16.81 -29.33 -4.36
CA LEU B 308 -16.12 -28.84 -5.54
C LEU B 308 -14.68 -28.45 -5.20
N SER B 309 -13.80 -28.58 -6.18
CA SER B 309 -12.45 -28.08 -6.06
C SER B 309 -12.41 -26.56 -6.29
N VAL B 310 -11.49 -25.89 -5.60
CA VAL B 310 -11.40 -24.43 -5.61
C VAL B 310 -9.99 -23.99 -5.97
N TRP B 311 -9.88 -23.08 -6.93
CA TRP B 311 -8.67 -22.30 -7.17
C TRP B 311 -8.92 -20.87 -6.68
N ALA B 312 -8.16 -20.43 -5.69
CA ALA B 312 -8.40 -19.15 -5.04
C ALA B 312 -7.23 -18.21 -5.27
N VAL B 313 -7.54 -16.96 -5.64
CA VAL B 313 -6.54 -15.93 -5.87
C VAL B 313 -6.59 -14.89 -4.75
N GLU B 314 -5.45 -14.66 -4.12
CA GLU B 314 -5.23 -13.50 -3.25
C GLU B 314 -4.21 -12.60 -3.91
N THR B 315 -4.51 -11.29 -4.01
CA THR B 315 -3.62 -10.34 -4.66
C THR B 315 -2.63 -9.69 -3.71
N ASN B 316 -2.86 -9.76 -2.40
CA ASN B 316 -1.92 -9.21 -1.44
C ASN B 316 -0.94 -10.31 -1.00
N PRO B 317 0.37 -10.12 -1.19
CA PRO B 317 1.34 -11.18 -0.82
C PRO B 317 1.21 -11.64 0.63
N LEU B 318 0.87 -10.75 1.56
CA LEU B 318 0.76 -11.14 2.96
C LEU B 318 -0.44 -12.06 3.19
N PHE B 319 -1.56 -11.77 2.55
CA PHE B 319 -2.75 -12.59 2.73
C PHE B 319 -2.65 -13.88 1.92
N TYR B 320 -1.99 -13.82 0.77
CA TYR B 320 -1.67 -15.03 0.03
C TYR B 320 -0.89 -16.01 0.91
N ARG B 321 0.21 -15.53 1.52
CA ARG B 321 1.02 -16.43 2.33
C ARG B 321 0.22 -16.99 3.50
N HIS B 322 -0.60 -16.15 4.14
CA HIS B 322 -1.43 -16.65 5.23
C HIS B 322 -2.38 -17.76 4.75
N MET B 323 -2.95 -17.61 3.57
CA MET B 323 -3.87 -18.64 3.11
C MET B 323 -3.14 -19.94 2.81
N LEU B 324 -1.88 -19.86 2.38
CA LEU B 324 -1.06 -21.07 2.27
C LEU B 324 -0.92 -21.75 3.62
N ASN B 325 -0.66 -20.96 4.68
CA ASN B 325 -0.63 -21.52 6.03
C ASN B 325 -1.94 -22.23 6.32
N ARG B 326 -3.04 -21.59 5.95
CA ARG B 326 -4.35 -22.19 6.14
C ARG B 326 -4.46 -23.51 5.39
N CYS B 327 -3.96 -23.56 4.15
CA CYS B 327 -4.00 -24.81 3.39
C CYS B 327 -3.20 -25.92 4.05
N VAL B 328 -1.99 -25.61 4.52
CA VAL B 328 -1.16 -26.61 5.20
C VAL B 328 -1.88 -27.15 6.42
N GLU B 329 -2.63 -26.30 7.13
CA GLU B 329 -3.25 -26.80 8.34
C GLU B 329 -4.57 -27.52 8.05
N ALA B 330 -5.32 -27.08 7.03
CA ALA B 330 -6.56 -27.76 6.70
C ALA B 330 -6.33 -29.11 6.01
N LYS B 331 -5.24 -29.22 5.25
CA LYS B 331 -4.88 -30.45 4.50
C LYS B 331 -6.01 -30.93 3.60
N ASP B 332 -6.80 -30.02 3.03
CA ASP B 332 -7.83 -30.38 2.06
C ASP B 332 -7.28 -30.17 0.66
N ARG B 333 -6.97 -31.28 -0.03
CA ARG B 333 -6.34 -31.18 -1.34
C ARG B 333 -7.24 -30.54 -2.40
N ARG B 334 -8.53 -30.36 -2.12
CA ARG B 334 -9.42 -29.70 -3.07
C ARG B 334 -9.17 -28.19 -3.18
N VAL B 335 -8.46 -27.59 -2.22
CA VAL B 335 -8.24 -26.14 -2.20
C VAL B 335 -6.79 -25.85 -2.56
N GLN B 336 -6.59 -24.98 -3.56
CA GLN B 336 -5.29 -24.46 -3.90
C GLN B 336 -5.36 -22.94 -4.07
N TYR B 337 -4.31 -22.26 -3.66
CA TYR B 337 -4.22 -20.82 -3.74
C TYR B 337 -3.15 -20.42 -4.75
N GLY B 338 -3.34 -19.25 -5.35
CA GLY B 338 -2.31 -18.64 -6.15
C GLY B 338 -2.22 -17.17 -5.84
N TRP B 339 -1.05 -16.59 -6.07
CA TRP B 339 -0.90 -15.14 -6.10
C TRP B 339 -0.82 -14.68 -7.55
N ASN B 340 -1.48 -13.56 -7.82
CA ASN B 340 -1.34 -12.80 -9.06
C ASN B 340 -1.44 -11.32 -8.67
N ALA B 341 -0.81 -10.45 -9.46
CA ALA B 341 -0.90 -9.02 -9.17
C ALA B 341 -2.35 -8.54 -9.26
N ASP B 342 -3.16 -9.12 -10.13
CA ASP B 342 -4.52 -8.67 -10.32
C ASP B 342 -5.29 -9.75 -11.07
N LEU B 343 -6.60 -9.52 -11.22
CA LEU B 343 -7.47 -10.49 -11.89
C LEU B 343 -6.98 -10.78 -13.30
N GLN B 344 -6.54 -9.74 -14.01
CA GLN B 344 -6.08 -9.89 -15.38
C GLN B 344 -4.89 -10.84 -15.48
N SER B 345 -3.95 -10.74 -14.53
CA SER B 345 -2.81 -11.65 -14.52
C SER B 345 -3.25 -13.11 -14.35
N SER B 346 -4.23 -13.34 -13.46
CA SER B 346 -4.73 -14.69 -13.27
C SER B 346 -5.44 -15.20 -14.53
N ILE B 347 -6.22 -14.34 -15.16
CA ILE B 347 -6.88 -14.70 -16.41
C ILE B 347 -5.85 -15.02 -17.50
N ASN B 348 -4.76 -14.25 -17.56
CA ASN B 348 -3.73 -14.49 -18.57
C ASN B 348 -3.15 -15.90 -18.45
N ASP B 349 -2.90 -16.34 -17.22
CA ASP B 349 -2.30 -17.66 -17.02
C ASP B 349 -3.28 -18.79 -17.35
N TRP B 350 -4.48 -18.78 -16.74
CA TRP B 350 -5.42 -19.87 -17.00
C TRP B 350 -5.94 -19.86 -18.44
N GLY B 351 -6.05 -18.70 -19.06
CA GLY B 351 -6.44 -18.65 -20.45
C GLY B 351 -5.44 -19.36 -21.35
N LEU B 352 -4.15 -19.17 -21.07
CA LEU B 352 -3.11 -19.88 -21.82
C LEU B 352 -3.22 -21.38 -21.64
N LYS B 353 -3.62 -21.85 -20.47
CA LYS B 353 -3.79 -23.27 -20.22
C LYS B 353 -5.14 -23.80 -20.71
N LYS B 354 -5.98 -22.92 -21.27
CA LYS B 354 -7.32 -23.28 -21.76
C LYS B 354 -8.17 -23.92 -20.66
N ALA B 355 -7.96 -23.48 -19.43
CA ALA B 355 -8.75 -23.95 -18.31
C ALA B 355 -10.12 -23.28 -18.30
N ARG B 356 -11.08 -23.95 -17.66
CA ARG B 356 -12.42 -23.41 -17.49
C ARG B 356 -12.88 -23.64 -16.06
N PHE B 357 -13.49 -22.62 -15.48
CA PHE B 357 -14.07 -22.72 -14.15
C PHE B 357 -15.60 -22.65 -14.24
N GLY B 358 -16.25 -23.34 -13.31
CA GLY B 358 -17.70 -23.53 -13.34
C GLY B 358 -18.49 -22.54 -12.52
N GLY B 359 -17.82 -21.59 -11.89
CA GLY B 359 -18.49 -20.52 -11.17
C GLY B 359 -17.42 -19.66 -10.51
N VAL B 360 -17.86 -18.49 -10.04
CA VAL B 360 -16.99 -17.52 -9.40
C VAL B 360 -17.60 -17.11 -8.08
N ILE B 361 -16.82 -17.17 -7.01
CA ILE B 361 -17.16 -16.61 -5.72
C ILE B 361 -16.07 -15.59 -5.38
N ALA B 362 -16.46 -14.33 -5.24
CA ALA B 362 -15.46 -13.30 -5.02
C ALA B 362 -15.93 -12.31 -3.98
N THR B 363 -14.97 -11.62 -3.39
CA THR B 363 -15.21 -10.37 -2.70
C THR B 363 -14.55 -9.26 -3.51
N GLU B 364 -15.26 -8.13 -3.66
CA GLU B 364 -14.68 -6.91 -4.20
C GLU B 364 -14.21 -7.08 -5.64
N LEU B 365 -14.89 -7.94 -6.40
CA LEU B 365 -14.57 -8.10 -7.82
C LEU B 365 -14.74 -6.80 -8.58
N PHE B 366 -15.85 -6.09 -8.35
CA PHE B 366 -16.03 -4.80 -8.99
C PHE B 366 -15.16 -3.73 -8.35
N MET B 367 -15.04 -3.78 -7.02
CA MET B 367 -14.29 -2.75 -6.30
C MET B 367 -12.84 -2.65 -6.81
N ALA B 368 -12.25 -3.78 -7.20
CA ALA B 368 -10.82 -3.86 -7.49
C ALA B 368 -10.48 -3.93 -8.97
N ASN B 369 -11.46 -3.99 -9.86
CA ASN B 369 -11.13 -4.24 -11.26
C ASN B 369 -11.97 -3.36 -12.18
N SER B 370 -11.36 -2.98 -13.30
CA SER B 370 -12.02 -2.24 -14.36
C SER B 370 -12.91 -3.17 -15.16
N ASP B 371 -13.78 -2.57 -15.98
CA ASP B 371 -14.64 -3.40 -16.82
C ASP B 371 -13.82 -4.15 -17.88
N THR B 372 -12.65 -3.64 -18.25
CA THR B 372 -11.77 -4.36 -19.15
C THR B 372 -11.31 -5.69 -18.55
N SER B 373 -10.92 -5.68 -17.28
CA SER B 373 -10.51 -6.93 -16.64
C SER B 373 -11.70 -7.85 -16.45
N LEU B 374 -12.85 -7.30 -16.08
CA LEU B 374 -14.04 -8.14 -15.89
C LEU B 374 -14.49 -8.76 -17.20
N MET B 375 -14.41 -8.02 -18.31
CA MET B 375 -14.82 -8.59 -19.59
C MET B 375 -14.01 -9.84 -19.92
N ALA B 376 -12.72 -9.83 -19.55
CA ALA B 376 -11.82 -10.93 -19.89
C ALA B 376 -12.11 -12.21 -19.11
N LEU B 377 -12.97 -12.16 -18.09
CA LEU B 377 -13.39 -13.40 -17.43
C LEU B 377 -13.96 -14.41 -18.42
N LYS B 378 -14.49 -13.93 -19.55
CA LYS B 378 -15.01 -14.83 -20.57
C LYS B 378 -13.97 -15.83 -21.03
N GLU B 379 -12.69 -15.56 -20.80
CA GLU B 379 -11.67 -16.45 -21.32
C GLU B 379 -11.51 -17.70 -20.45
N ILE B 380 -11.89 -17.66 -19.18
CA ILE B 380 -11.66 -18.77 -18.27
C ILE B 380 -12.93 -19.28 -17.62
N LEU B 381 -14.11 -18.75 -17.96
CA LEU B 381 -15.34 -19.23 -17.36
C LEU B 381 -16.10 -20.12 -18.34
N ASP B 382 -16.70 -21.18 -17.81
CA ASP B 382 -17.62 -21.99 -18.61
C ASP B 382 -18.89 -21.19 -18.93
N ASP B 383 -19.45 -21.44 -20.10
CA ASP B 383 -20.73 -20.85 -20.47
C ASP B 383 -21.74 -21.05 -19.34
N ASN B 384 -22.46 -19.99 -19.01
CA ASN B 384 -23.52 -19.99 -18.01
C ASN B 384 -23.01 -20.09 -16.58
N ALA B 385 -21.69 -19.97 -16.37
CA ALA B 385 -21.18 -19.92 -15.01
C ALA B 385 -21.77 -18.71 -14.27
N ASN B 386 -22.21 -18.93 -13.03
CA ASN B 386 -22.63 -17.81 -12.21
C ASN B 386 -21.41 -17.10 -11.62
N ILE B 387 -21.57 -15.78 -11.42
CA ILE B 387 -20.58 -14.93 -10.78
C ILE B 387 -21.26 -14.29 -9.58
N PHE B 388 -20.73 -14.54 -8.39
CA PHE B 388 -21.28 -14.01 -7.15
C PHE B 388 -20.18 -13.20 -6.47
N THR B 389 -20.46 -11.94 -6.17
CA THR B 389 -19.44 -11.13 -5.53
C THR B 389 -20.05 -10.28 -4.43
N ILE B 390 -19.35 -10.22 -3.29
CA ILE B 390 -19.70 -9.37 -2.17
C ILE B 390 -18.98 -8.04 -2.34
N GLU B 391 -19.73 -6.94 -2.38
CA GLU B 391 -19.16 -5.66 -2.73
C GLU B 391 -19.41 -4.63 -1.64
N PRO B 392 -18.40 -3.85 -1.26
CA PRO B 392 -18.65 -2.68 -0.41
C PRO B 392 -19.16 -1.55 -1.29
N ALA B 393 -20.05 -0.75 -0.71
CA ALA B 393 -20.67 0.33 -1.47
C ALA B 393 -21.10 1.41 -0.51
N LEU B 394 -21.38 2.60 -1.07
CA LEU B 394 -21.97 3.67 -0.28
C LEU B 394 -23.44 3.39 0.03
N SER B 395 -24.12 2.78 -0.93
CA SER B 395 -25.53 2.42 -0.82
C SER B 395 -25.87 1.60 -2.05
N ILE B 396 -26.99 0.88 -1.98
CA ILE B 396 -27.37 0.08 -3.12
C ILE B 396 -27.65 0.98 -4.32
N GLU B 397 -28.26 2.15 -4.09
CA GLU B 397 -28.58 3.07 -5.17
C GLU B 397 -27.32 3.63 -5.82
N ASP B 398 -26.34 4.03 -5.00
CA ASP B 398 -25.10 4.56 -5.56
C ASP B 398 -24.39 3.52 -6.40
N PHE B 399 -24.35 2.28 -5.92
CA PHE B 399 -23.67 1.21 -6.66
C PHE B 399 -24.37 0.96 -7.99
N LYS B 400 -25.70 0.88 -8.00
CA LYS B 400 -26.42 0.68 -9.25
C LYS B 400 -26.15 1.82 -10.22
N GLU B 401 -26.05 3.04 -9.71
CA GLU B 401 -25.84 4.19 -10.58
C GLU B 401 -24.44 4.22 -11.19
N ASN B 402 -23.44 3.77 -10.45
CA ASN B 402 -22.07 4.03 -10.87
C ASN B 402 -21.26 2.80 -11.23
N VAL B 403 -21.76 1.59 -10.97
CA VAL B 403 -20.99 0.40 -11.34
C VAL B 403 -20.82 0.36 -12.85
N VAL B 404 -19.61 0.04 -13.29
CA VAL B 404 -19.30 -0.08 -14.71
C VAL B 404 -19.29 -1.55 -15.06
N VAL B 405 -20.30 -1.98 -15.81
CA VAL B 405 -20.50 -3.38 -16.15
C VAL B 405 -19.99 -3.60 -17.58
N PRO B 406 -19.15 -4.61 -17.82
CA PRO B 406 -18.72 -4.88 -19.20
C PRO B 406 -19.90 -5.31 -20.05
N GLU B 407 -19.75 -5.10 -21.36
CA GLU B 407 -20.87 -5.31 -22.28
C GLU B 407 -21.24 -6.79 -22.41
N ASN B 408 -20.34 -7.71 -22.05
CA ASN B 408 -20.62 -9.14 -22.08
C ASN B 408 -21.09 -9.67 -20.73
N MET B 409 -21.49 -8.81 -19.82
CA MET B 409 -21.96 -9.22 -18.51
C MET B 409 -23.38 -8.73 -18.28
N GLU B 410 -24.22 -9.59 -17.71
CA GLU B 410 -25.57 -9.22 -17.28
C GLU B 410 -25.65 -9.34 -15.77
N MET B 411 -26.31 -8.36 -15.15
CA MET B 411 -26.51 -8.32 -13.71
C MET B 411 -27.85 -8.98 -13.37
N ILE B 412 -27.80 -10.11 -12.66
CA ILE B 412 -29.01 -10.84 -12.33
C ILE B 412 -29.71 -10.23 -11.12
N ALA B 413 -28.97 -10.00 -10.04
CA ALA B 413 -29.58 -9.43 -8.85
C ALA B 413 -28.53 -8.68 -8.05
N ILE B 414 -28.98 -7.67 -7.32
CA ILE B 414 -28.15 -6.89 -6.41
C ILE B 414 -28.92 -6.77 -5.10
N THR B 415 -28.33 -7.25 -4.01
CA THR B 415 -29.02 -7.43 -2.74
C THR B 415 -28.18 -6.83 -1.62
N ASP B 416 -28.82 -6.06 -0.73
CA ASP B 416 -28.13 -5.54 0.45
C ASP B 416 -27.98 -6.67 1.47
N VAL B 417 -26.74 -6.94 1.86
CA VAL B 417 -26.45 -7.97 2.86
C VAL B 417 -25.63 -7.34 3.99
N SER B 418 -25.80 -6.03 4.20
CA SER B 418 -24.96 -5.34 5.18
C SER B 418 -25.13 -5.92 6.58
N ALA B 419 -26.35 -6.31 6.95
CA ALA B 419 -26.59 -6.85 8.29
C ALA B 419 -25.81 -8.13 8.55
N TYR B 420 -25.35 -8.81 7.50
CA TYR B 420 -24.71 -10.11 7.65
C TYR B 420 -23.19 -10.07 7.55
N VAL B 421 -22.64 -9.03 6.93
CA VAL B 421 -21.18 -8.91 6.80
C VAL B 421 -20.73 -8.03 7.96
N VAL B 422 -20.65 -8.63 9.15
CA VAL B 422 -20.29 -7.91 10.37
C VAL B 422 -19.37 -8.78 11.22
N CYS B 423 -18.71 -8.14 12.17
CA CYS B 423 -17.90 -8.81 13.17
C CYS B 423 -18.77 -9.41 14.27
N PRO B 436 -21.34 1.00 7.24
CA PRO B 436 -20.63 0.12 6.33
C PRO B 436 -21.69 -0.68 5.57
N CYS B 437 -21.67 -0.56 4.26
CA CYS B 437 -22.70 -1.18 3.41
C CYS B 437 -22.08 -2.26 2.49
N TRP B 438 -22.69 -3.43 2.43
CA TRP B 438 -22.21 -4.57 1.65
C TRP B 438 -23.35 -5.10 0.79
N LEU B 439 -23.06 -5.36 -0.47
CA LEU B 439 -24.06 -5.86 -1.39
C LEU B 439 -23.60 -7.21 -1.96
N LEU B 440 -24.57 -8.07 -2.24
CA LEU B 440 -24.34 -9.33 -2.95
C LEU B 440 -24.77 -9.14 -4.40
N VAL B 441 -23.83 -9.30 -5.32
CA VAL B 441 -24.08 -9.12 -6.74
C VAL B 441 -24.04 -10.48 -7.42
N HIS B 442 -25.09 -10.80 -8.17
CA HIS B 442 -25.17 -12.02 -8.97
C HIS B 442 -25.12 -11.59 -10.42
N ALA B 443 -24.07 -12.01 -11.13
CA ALA B 443 -23.93 -11.72 -12.54
C ALA B 443 -23.73 -13.00 -13.32
N ARG B 444 -23.95 -12.93 -14.63
CA ARG B 444 -23.61 -13.99 -15.56
C ARG B 444 -23.00 -13.36 -16.80
N LEU B 445 -22.23 -14.15 -17.54
CA LEU B 445 -21.66 -13.63 -18.77
C LEU B 445 -22.60 -13.91 -19.95
N LEU B 446 -22.44 -13.12 -21.00
CA LEU B 446 -23.22 -13.29 -22.22
C LEU B 446 -22.31 -13.83 -23.33
CA OPE C . -17.59 27.75 7.14
CB OPE C . -17.65 28.97 6.22
O1 OPE C . -19.61 26.34 9.18
O2 OPE C . -20.47 25.14 7.22
O3 OPE C . -18.20 24.69 8.09
O4 OPE C . -18.67 26.91 6.80
N OPE C . -17.30 28.63 4.85
P OPE C . -19.23 25.76 7.84
N SAH D . -12.49 32.27 1.59
CA SAH D . -13.27 33.28 2.31
CB SAH D . -14.76 32.99 2.27
CG SAH D . -15.19 31.60 2.74
SD SAH D . -17.00 31.39 2.61
C SAH D . -12.81 33.38 3.76
O SAH D . -12.24 32.43 4.26
OXT SAH D . -13.03 34.41 4.43
C5' SAH D . -16.90 30.64 0.96
C4' SAH D . -16.87 31.69 -0.15
O4' SAH D . -16.75 31.08 -1.41
C3' SAH D . -18.14 32.54 -0.21
O3' SAH D . -17.73 33.87 -0.39
C2' SAH D . -18.88 32.02 -1.43
O2' SAH D . -19.60 33.02 -2.08
C1' SAH D . -17.73 31.56 -2.31
N9 SAH D . -18.01 30.45 -3.24
C8 SAH D . -18.65 29.26 -3.00
N7 SAH D . -18.62 28.53 -4.13
C5 SAH D . -17.95 29.22 -5.09
C6 SAH D . -17.63 28.94 -6.42
N6 SAH D . -18.01 27.79 -7.00
N1 SAH D . -16.93 29.89 -7.14
C2 SAH D . -16.54 31.07 -6.56
N3 SAH D . -16.87 31.36 -5.25
C4 SAH D . -17.56 30.43 -4.53
CA OPE E . 14.47 -30.07 -1.37
CB OPE E . 15.49 -30.56 -2.40
O1 OPE E . 13.61 -31.07 1.31
O2 OPE E . 13.15 -28.69 1.10
O3 OPE E . 15.14 -29.43 2.36
O4 OPE E . 15.14 -29.68 -0.20
N OPE E . 16.29 -29.45 -2.88
P OPE E . 14.25 -29.73 1.18
N SAH F . 17.74 -28.17 -9.84
CA SAH F . 17.92 -29.62 -9.76
CB SAH F . 18.65 -30.00 -8.46
CG SAH F . 18.05 -29.41 -7.20
SD SAH F . 18.99 -29.84 -5.70
C SAH F . 16.60 -30.38 -9.80
O SAH F . 15.55 -29.81 -9.51
OXT SAH F . 16.58 -31.58 -10.11
C5' SAH F . 19.97 -28.32 -5.77
C4' SAH F . 21.20 -28.34 -6.70
O4' SAH F . 21.80 -27.06 -6.79
C3' SAH F . 22.30 -29.30 -6.26
O3' SAH F . 22.64 -30.03 -7.41
C2' SAH F . 23.46 -28.41 -5.83
O2' SAH F . 24.71 -28.94 -6.19
C1' SAH F . 23.20 -27.14 -6.61
N9 SAH F . 23.67 -25.92 -5.96
C8 SAH F . 23.41 -25.49 -4.68
N7 SAH F . 23.99 -24.27 -4.51
C5 SAH F . 24.62 -23.93 -5.67
C6 SAH F . 25.35 -22.82 -6.05
N6 SAH F . 25.56 -21.81 -5.19
N1 SAH F . 25.86 -22.76 -7.32
C2 SAH F . 25.65 -23.79 -8.22
N3 SAH F . 24.92 -24.88 -7.84
C4 SAH F . 24.40 -24.95 -6.58
#